data_3QT2
#
_entry.id   3QT2
#
_cell.length_a   85.084
_cell.length_b   61.633
_cell.length_c   142.113
_cell.angle_alpha   90.00
_cell.angle_beta   99.49
_cell.angle_gamma   90.00
#
_symmetry.space_group_name_H-M   'P 1 21 1'
#
loop_
_entity.id
_entity.type
_entity.pdbx_description
1 polymer 'Interleukin-5 receptor subunit alpha'
2 polymer Interleukin-5
3 non-polymer beta-D-glucopyranose
4 non-polymer (4S)-2-METHYL-2,4-PENTANEDIOL
5 water water
#
loop_
_entity_poly.entity_id
_entity_poly.type
_entity_poly.pdbx_seq_one_letter_code
_entity_poly.pdbx_strand_id
1 'polypeptide(L)'
;MADLLPDEKISLLPPVNFTIKVTGLAQVLLQWKPNPDQEQRNVNLEYQVKINAPKEDDYETRITESKAVTILHMGFSASV
RTILQNDHSLLASSWASAELHAPPGSPGTSIVNLTCTTNTTEDNYSRLRSYQVSLHCTWMVGTDAPEDTQYFLYYRYGSW
TEECQEYSMDTLGRNIACWFPRTFILSKGRDWLAVLVNGSSKHSAIRPFDQLFALHAIDQINPPLNVTAEIEGTRMSIQW
EKPVSAFPIHCFDYEVKIHNTRNGYLQIEKLMTNAFISIIDDLSKYDVQVRAAVSSMCREAGLWSEWSQPIYVGFSR
;
A,B
2 'polypeptide(L)'
;MAIPTEIPTSALVKETLALLSTHRTLLIANETLRIPVPVHKNHQLCTEEIFQGIGTLESQTVQGGTVERLFKNLSLIKKY
IDGQKKKCGEERRRVNQFLDYLQEFLGVMNTEWIIES
;
C,D,E,F
#
# COMPACT_ATOMS: atom_id res chain seq x y z
N LYS A 9 18.24 26.06 -27.78
CA LYS A 9 18.23 25.37 -26.43
C LYS A 9 16.80 25.12 -25.90
N ILE A 10 16.32 23.87 -26.07
CA ILE A 10 15.00 23.43 -25.52
C ILE A 10 15.11 22.68 -24.17
N SER A 11 14.06 22.79 -23.36
CA SER A 11 14.04 22.18 -22.04
C SER A 11 12.87 21.19 -21.85
N LEU A 12 13.13 19.90 -22.06
CA LEU A 12 12.08 18.86 -22.12
C LEU A 12 11.46 18.45 -20.80
N LEU A 13 10.14 18.37 -20.76
CA LEU A 13 9.49 17.99 -19.53
C LEU A 13 8.88 16.63 -19.71
N PRO A 14 8.81 15.84 -18.63
CA PRO A 14 8.20 14.52 -18.66
C PRO A 14 6.75 14.58 -19.11
N PRO A 15 6.26 13.54 -19.79
CA PRO A 15 4.84 13.33 -20.06
C PRO A 15 4.03 13.26 -18.78
N VAL A 16 2.72 13.41 -18.87
CA VAL A 16 1.87 13.51 -17.70
C VAL A 16 0.62 12.60 -17.83
N ASN A 17 -0.11 12.37 -16.74
CA ASN A 17 -1.27 11.46 -16.83
C ASN A 17 -0.89 10.13 -17.44
N PHE A 18 0.20 9.57 -16.92
CA PHE A 18 0.72 8.29 -17.34
C PHE A 18 -0.07 7.22 -16.57
N THR A 19 -0.77 6.35 -17.30
CA THR A 19 -1.57 5.35 -16.65
C THR A 19 -1.40 4.00 -17.34
N ILE A 20 -1.58 2.95 -16.55
CA ILE A 20 -1.59 1.58 -17.05
C ILE A 20 -3.00 1.01 -16.83
N LYS A 21 -3.56 0.36 -17.84
CA LYS A 21 -4.86 -0.28 -17.64
C LYS A 21 -4.92 -1.66 -18.27
N VAL A 22 -5.49 -2.61 -17.52
CA VAL A 22 -5.67 -4.00 -17.99
C VAL A 22 -6.73 -4.04 -19.06
N THR A 23 -6.41 -4.55 -20.24
CA THR A 23 -7.40 -4.65 -21.30
C THR A 23 -7.72 -6.07 -21.70
N GLY A 24 -7.06 -7.06 -21.09
CA GLY A 24 -7.45 -8.45 -21.31
C GLY A 24 -6.42 -9.39 -20.72
N LEU A 25 -6.63 -10.71 -20.88
CA LEU A 25 -5.64 -11.69 -20.37
C LEU A 25 -4.26 -11.24 -20.67
N ALA A 26 -3.42 -11.16 -19.67
CA ALA A 26 -2.00 -10.86 -19.90
C ALA A 26 -1.75 -9.72 -20.90
N GLN A 27 -2.65 -8.74 -20.92
CA GLN A 27 -2.55 -7.63 -21.85
C GLN A 27 -2.83 -6.23 -21.20
N VAL A 28 -1.98 -5.21 -21.47
CA VAL A 28 -2.25 -3.85 -20.97
C VAL A 28 -2.02 -2.75 -21.98
N LEU A 29 -2.44 -1.55 -21.59
CA LEU A 29 -2.38 -0.37 -22.44
C LEU A 29 -1.75 0.73 -21.64
N LEU A 30 -0.59 1.23 -22.08
CA LEU A 30 -0.01 2.38 -21.42
C LEU A 30 -0.47 3.61 -22.14
N GLN A 31 -0.91 4.60 -21.38
CA GLN A 31 -1.19 5.91 -21.95
C GLN A 31 -0.65 7.10 -21.14
N TRP A 32 -0.34 8.17 -21.87
CA TRP A 32 0.09 9.41 -21.28
C TRP A 32 -0.30 10.51 -22.22
N LYS A 33 -0.03 11.76 -21.81
CA LYS A 33 -0.37 12.95 -22.56
C LYS A 33 0.84 13.85 -22.56
N PRO A 34 1.06 14.59 -23.66
CA PRO A 34 2.21 15.49 -23.71
C PRO A 34 2.08 16.51 -22.58
N ASN A 35 3.19 17.10 -22.16
CA ASN A 35 3.17 18.01 -21.01
C ASN A 35 2.68 19.39 -21.37
N PRO A 36 1.54 19.79 -20.81
CA PRO A 36 0.91 21.07 -21.14
C PRO A 36 1.92 22.21 -21.15
N ASP A 37 2.96 22.13 -20.32
CA ASP A 37 3.92 23.23 -20.18
C ASP A 37 5.14 23.09 -21.05
N GLN A 38 5.04 22.33 -22.12
CA GLN A 38 6.19 22.07 -22.96
C GLN A 38 6.45 23.26 -23.87
N GLU A 39 7.72 23.64 -24.06
CA GLU A 39 8.09 24.61 -25.09
C GLU A 39 7.35 24.22 -26.34
N GLN A 40 6.58 25.16 -26.88
CA GLN A 40 5.59 24.84 -27.92
C GLN A 40 6.08 23.92 -29.06
N ARG A 41 5.17 23.04 -29.47
CA ARG A 41 5.44 22.08 -30.51
C ARG A 41 5.55 22.71 -31.91
N ASN A 42 6.80 22.80 -32.38
CA ASN A 42 7.17 23.02 -33.78
C ASN A 42 8.18 21.92 -34.13
N VAL A 43 8.58 21.19 -33.08
CA VAL A 43 9.45 20.02 -33.20
C VAL A 43 8.67 18.80 -32.77
N ASN A 44 8.93 17.70 -33.44
CA ASN A 44 8.22 16.48 -33.15
C ASN A 44 8.91 15.71 -32.00
N LEU A 45 8.24 15.62 -30.86
CA LEU A 45 8.76 14.86 -29.76
C LEU A 45 8.39 13.37 -29.89
N GLU A 46 9.14 12.50 -29.24
CA GLU A 46 8.81 11.08 -29.17
C GLU A 46 9.02 10.63 -27.78
N TYR A 47 8.82 9.35 -27.52
CA TYR A 47 8.80 8.87 -26.16
C TYR A 47 9.69 7.66 -26.00
N GLN A 48 10.28 7.52 -24.83
CA GLN A 48 10.94 6.28 -24.56
C GLN A 48 10.22 5.54 -23.42
N VAL A 49 9.86 4.27 -23.64
CA VAL A 49 9.17 3.48 -22.65
C VAL A 49 10.10 2.43 -22.08
N LYS A 50 10.01 2.17 -20.81
CA LYS A 50 10.87 1.21 -20.18
C LYS A 50 9.96 0.39 -19.28
N ILE A 51 9.87 -0.90 -19.57
CA ILE A 51 9.16 -1.79 -18.72
C ILE A 51 10.18 -2.31 -17.69
N ASN A 52 9.83 -2.15 -16.41
CA ASN A 52 10.71 -2.46 -15.30
C ASN A 52 10.52 -3.82 -14.69
N ALA A 53 9.25 -4.27 -14.62
CA ALA A 53 8.95 -5.60 -14.05
C ALA A 53 7.61 -6.07 -14.56
N PRO A 54 7.38 -7.39 -14.64
CA PRO A 54 8.29 -8.45 -14.24
C PRO A 54 9.41 -8.67 -15.22
N LYS A 55 9.26 -8.21 -16.46
CA LYS A 55 10.24 -8.54 -17.48
C LYS A 55 10.78 -7.32 -18.27
N GLU A 56 12.04 -6.99 -18.09
CA GLU A 56 12.64 -5.75 -18.64
C GLU A 56 12.50 -5.50 -20.14
N ASP A 57 12.34 -4.22 -20.50
CA ASP A 57 12.32 -3.79 -21.88
C ASP A 57 12.51 -2.28 -21.90
N ASP A 58 12.96 -1.74 -23.02
CA ASP A 58 12.65 -0.35 -23.45
C ASP A 58 12.69 -0.30 -24.90
N TYR A 59 12.12 0.77 -25.40
CA TYR A 59 11.91 0.91 -26.80
C TYR A 59 11.40 2.30 -26.91
N GLU A 60 11.43 2.83 -28.10
CA GLU A 60 11.00 4.19 -28.34
C GLU A 60 9.67 4.13 -29.05
N THR A 61 8.81 5.09 -28.81
CA THR A 61 7.64 5.15 -29.64
C THR A 61 7.32 6.52 -30.00
N ARG A 62 6.46 6.64 -30.98
CA ARG A 62 6.27 7.85 -31.69
C ARG A 62 4.87 8.47 -31.45
N ILE A 63 3.95 7.70 -30.85
CA ILE A 63 2.61 8.16 -30.50
C ILE A 63 2.55 8.11 -28.99
N THR A 64 1.39 8.24 -28.37
CA THR A 64 1.33 8.47 -26.92
C THR A 64 0.62 7.35 -26.16
N GLU A 65 0.72 6.15 -26.70
CA GLU A 65 0.00 4.94 -26.24
C GLU A 65 0.86 3.72 -26.58
N SER A 66 0.83 2.70 -25.77
CA SER A 66 1.53 1.50 -26.19
C SER A 66 0.96 0.27 -25.55
N LYS A 67 0.64 -0.71 -26.38
CA LYS A 67 0.18 -2.01 -25.93
C LYS A 67 1.40 -2.79 -25.40
N ALA A 68 1.18 -3.63 -24.41
CA ALA A 68 2.20 -4.53 -23.95
C ALA A 68 1.52 -5.85 -23.59
N VAL A 69 1.95 -6.96 -24.20
CA VAL A 69 1.52 -8.26 -23.67
C VAL A 69 2.43 -8.68 -22.49
N THR A 70 1.88 -8.90 -21.32
CA THR A 70 2.69 -9.32 -20.19
C THR A 70 1.88 -10.08 -19.18
N ILE A 71 2.55 -11.03 -18.51
CA ILE A 71 2.06 -11.71 -17.31
C ILE A 71 1.68 -10.69 -16.22
N LEU A 72 0.54 -10.84 -15.54
CA LEU A 72 0.12 -9.86 -14.49
C LEU A 72 0.09 -10.33 -13.01
N HIS A 73 0.16 -11.64 -12.76
CA HIS A 73 0.00 -12.06 -11.38
C HIS A 73 1.17 -11.64 -10.52
N MET A 74 2.21 -11.10 -11.11
CA MET A 74 3.28 -10.59 -10.26
C MET A 74 3.21 -9.08 -10.14
N GLY A 75 2.24 -8.46 -10.81
CA GLY A 75 2.20 -7.01 -10.82
C GLY A 75 3.16 -6.51 -11.87
N PHE A 76 2.91 -5.32 -12.39
CA PHE A 76 3.60 -4.79 -13.52
C PHE A 76 4.05 -3.39 -13.20
N SER A 77 5.14 -2.92 -13.79
CA SER A 77 5.62 -1.56 -13.48
C SER A 77 6.40 -0.96 -14.65
N ALA A 78 6.13 0.29 -14.99
CA ALA A 78 6.63 0.89 -16.25
C ALA A 78 6.94 2.36 -16.10
N SER A 79 7.84 2.90 -16.93
CA SER A 79 8.19 4.32 -16.88
C SER A 79 8.25 4.87 -18.30
N VAL A 80 8.03 6.18 -18.47
CA VAL A 80 8.08 6.77 -19.79
C VAL A 80 8.60 8.19 -19.72
N ARG A 81 9.28 8.59 -20.76
CA ARG A 81 10.13 9.74 -20.70
C ARG A 81 10.07 10.41 -22.09
N THR A 82 10.30 11.71 -22.21
CA THR A 82 10.13 12.27 -23.56
C THR A 82 11.48 12.53 -24.20
N ILE A 83 11.60 12.39 -25.51
CA ILE A 83 12.91 12.58 -26.13
C ILE A 83 12.79 13.36 -27.43
N LEU A 84 13.90 13.98 -27.81
CA LEU A 84 13.96 14.85 -28.93
C LEU A 84 15.30 14.63 -29.56
N GLN A 85 15.34 14.08 -30.78
CA GLN A 85 16.61 13.83 -31.50
C GLN A 85 16.70 14.70 -32.72
N ASN A 86 17.91 15.12 -33.08
CA ASN A 86 18.09 15.88 -34.31
C ASN A 86 19.52 15.79 -34.86
N ASP A 87 19.88 16.79 -35.67
CA ASP A 87 21.24 17.01 -36.25
C ASP A 87 22.40 16.69 -35.29
N HIS A 88 22.57 17.60 -34.34
CA HIS A 88 23.71 17.58 -33.47
C HIS A 88 23.42 17.13 -32.01
N SER A 89 22.23 16.62 -31.70
CA SER A 89 21.87 16.41 -30.26
C SER A 89 20.71 15.48 -29.92
N LEU A 90 20.87 14.70 -28.85
CA LEU A 90 19.77 13.99 -28.19
C LEU A 90 19.46 14.68 -26.85
N LEU A 91 18.18 14.72 -26.46
CA LEU A 91 17.79 15.25 -25.15
C LEU A 91 16.72 14.35 -24.63
N ALA A 92 16.73 14.01 -23.35
CA ALA A 92 15.62 13.20 -22.81
C ALA A 92 15.19 13.69 -21.39
N SER A 93 13.89 13.65 -21.11
CA SER A 93 13.38 14.26 -19.86
C SER A 93 13.54 13.33 -18.68
N SER A 94 13.19 13.81 -17.50
CA SER A 94 13.06 12.93 -16.35
C SER A 94 11.89 12.01 -16.63
N TRP A 95 11.77 10.94 -15.84
CA TRP A 95 10.75 9.90 -16.11
C TRP A 95 9.44 10.14 -15.39
N ALA A 96 8.34 9.70 -15.98
CA ALA A 96 7.10 9.40 -15.24
C ALA A 96 7.03 7.90 -15.03
N SER A 97 6.29 7.48 -14.02
CA SER A 97 6.26 6.12 -13.61
C SER A 97 4.86 5.71 -13.18
N ALA A 98 4.58 4.42 -13.25
CA ALA A 98 3.29 3.92 -12.86
C ALA A 98 3.43 2.46 -12.58
N GLU A 99 2.50 1.90 -11.84
CA GLU A 99 2.53 0.47 -11.65
C GLU A 99 1.18 -0.10 -11.27
N LEU A 100 0.97 -1.38 -11.61
CA LEU A 100 -0.10 -2.17 -11.00
C LEU A 100 0.46 -3.06 -9.90
N HIS A 101 -0.19 -3.07 -8.75
CA HIS A 101 0.20 -4.00 -7.68
C HIS A 101 -0.15 -5.45 -8.04
N ALA A 102 0.49 -6.40 -7.37
CA ALA A 102 0.16 -7.78 -7.57
C ALA A 102 -1.22 -8.01 -7.00
N PRO A 103 -2.00 -8.92 -7.61
CA PRO A 103 -3.36 -9.13 -7.09
C PRO A 103 -3.35 -9.64 -5.66
N PRO A 104 -4.47 -9.44 -4.94
CA PRO A 104 -4.51 -9.87 -3.54
C PRO A 104 -4.59 -11.37 -3.44
N GLY A 105 -4.06 -11.94 -2.35
CA GLY A 105 -4.05 -13.38 -2.12
C GLY A 105 -2.83 -13.88 -1.35
N SER A 106 -3.02 -14.92 -0.51
CA SER A 106 -1.91 -15.59 0.19
C SER A 106 -1.04 -16.42 -0.78
N PRO A 107 0.23 -16.68 -0.41
CA PRO A 107 1.27 -17.15 -1.38
C PRO A 107 1.00 -18.56 -1.93
N GLY A 108 0.64 -19.48 -1.04
CA GLY A 108 0.39 -20.86 -1.42
C GLY A 108 -1.05 -21.15 -1.82
N THR A 109 -1.87 -20.10 -1.86
CA THR A 109 -3.24 -20.23 -2.33
C THR A 109 -3.20 -20.42 -3.83
N SER A 110 -2.06 -20.12 -4.43
CA SER A 110 -2.02 -20.07 -5.87
C SER A 110 -1.69 -21.37 -6.57
N ILE A 111 -2.41 -21.62 -7.65
CA ILE A 111 -2.13 -22.71 -8.56
C ILE A 111 -0.66 -22.87 -8.83
N VAL A 112 -0.23 -24.10 -9.09
CA VAL A 112 1.19 -24.39 -9.34
C VAL A 112 1.36 -25.42 -10.42
N ASN A 113 2.52 -25.39 -11.06
CA ASN A 113 2.87 -26.25 -12.20
C ASN A 113 1.99 -26.33 -13.43
N LEU A 114 1.34 -25.24 -13.80
CA LEU A 114 0.48 -25.23 -15.02
C LEU A 114 1.22 -25.65 -16.30
N THR A 115 0.78 -26.72 -16.94
CA THR A 115 1.29 -27.12 -18.27
C THR A 115 0.16 -27.06 -19.29
N CYS A 116 0.44 -26.64 -20.51
CA CYS A 116 -0.60 -26.60 -21.53
C CYS A 116 -0.11 -27.21 -22.81
N THR A 117 -1.02 -27.86 -23.52
CA THR A 117 -0.71 -28.62 -24.71
C THR A 117 -1.77 -28.42 -25.77
N THR A 118 -1.32 -28.10 -26.98
CA THR A 118 -2.12 -27.99 -28.20
C THR A 118 -1.96 -29.25 -29.10
N ASN A 119 -2.97 -29.51 -29.95
CA ASN A 119 -2.98 -30.61 -30.94
C ASN A 119 -4.00 -30.29 -32.04
N THR A 120 -3.71 -30.72 -33.26
CA THR A 120 -4.54 -30.39 -34.42
C THR A 120 -5.30 -31.61 -34.88
N THR A 121 -6.51 -31.42 -35.38
CA THR A 121 -7.25 -32.52 -35.97
C THR A 121 -7.95 -32.02 -37.21
N GLU A 122 -8.61 -32.91 -37.91
CA GLU A 122 -9.26 -32.49 -39.12
C GLU A 122 -10.76 -32.52 -38.96
N ASP A 123 -11.41 -31.38 -39.22
CA ASP A 123 -12.87 -31.32 -39.39
C ASP A 123 -13.23 -32.27 -40.53
N ASN A 124 -13.90 -33.37 -40.21
CA ASN A 124 -14.28 -34.34 -41.25
C ASN A 124 -15.63 -34.03 -41.93
N TYR A 125 -16.02 -32.76 -41.88
CA TYR A 125 -17.18 -32.25 -42.62
C TYR A 125 -16.81 -30.94 -43.36
N SER A 126 -17.80 -30.06 -43.55
CA SER A 126 -17.60 -28.68 -44.07
C SER A 126 -17.25 -28.48 -45.57
N ARG A 127 -17.00 -29.56 -46.31
CA ARG A 127 -16.70 -29.50 -47.77
C ARG A 127 -15.63 -28.46 -48.20
N LEU A 128 -14.38 -28.68 -47.77
CA LEU A 128 -13.32 -27.66 -47.79
C LEU A 128 -12.40 -28.05 -46.62
N ARG A 129 -11.12 -28.28 -46.91
CA ARG A 129 -10.18 -28.74 -45.86
C ARG A 129 -9.58 -27.63 -44.93
N SER A 130 -10.25 -27.40 -43.79
CA SER A 130 -9.70 -26.62 -42.70
C SER A 130 -9.52 -27.53 -41.48
N TYR A 131 -8.96 -27.01 -40.40
CA TYR A 131 -8.49 -27.84 -39.30
C TYR A 131 -8.97 -27.35 -37.97
N GLN A 132 -8.74 -28.13 -36.93
CA GLN A 132 -9.20 -27.76 -35.61
C GLN A 132 -8.14 -27.91 -34.53
N VAL A 133 -8.14 -27.01 -33.55
CA VAL A 133 -7.14 -27.03 -32.48
C VAL A 133 -7.73 -27.19 -31.09
N SER A 134 -7.31 -28.22 -30.37
CA SER A 134 -7.75 -28.46 -29.02
C SER A 134 -6.70 -27.88 -28.10
N LEU A 135 -7.00 -27.82 -26.80
CA LEU A 135 -6.07 -27.31 -25.77
C LEU A 135 -6.35 -28.11 -24.52
N HIS A 136 -5.32 -28.47 -23.79
CA HIS A 136 -5.45 -29.32 -22.61
C HIS A 136 -4.45 -28.82 -21.56
N CYS A 137 -4.97 -28.35 -20.41
CA CYS A 137 -4.10 -27.90 -19.34
C CYS A 137 -4.29 -28.67 -18.05
N THR A 138 -3.21 -28.84 -17.32
CA THR A 138 -3.31 -29.34 -15.95
C THR A 138 -2.44 -28.46 -15.04
N TRP A 139 -2.74 -28.48 -13.74
CA TRP A 139 -1.96 -27.79 -12.71
C TRP A 139 -2.25 -28.49 -11.38
N MET A 140 -1.57 -28.10 -10.32
CA MET A 140 -1.85 -28.64 -9.02
C MET A 140 -2.28 -27.49 -8.12
N VAL A 141 -2.84 -27.81 -6.96
CA VAL A 141 -3.66 -26.86 -6.23
C VAL A 141 -2.91 -25.86 -5.36
N GLY A 142 -1.65 -26.16 -5.03
CA GLY A 142 -0.84 -25.23 -4.20
C GLY A 142 -1.13 -25.38 -2.71
N THR A 143 -0.08 -25.31 -1.90
CA THR A 143 -0.11 -25.94 -0.56
C THR A 143 -1.01 -25.29 0.47
N ASP A 144 -1.31 -24.00 0.32
CA ASP A 144 -2.10 -23.27 1.32
C ASP A 144 -3.57 -23.15 0.96
N ALA A 145 -3.94 -23.53 -0.25
CA ALA A 145 -5.32 -23.45 -0.71
C ALA A 145 -6.31 -24.04 0.31
N PRO A 146 -7.37 -23.30 0.63
CA PRO A 146 -8.33 -23.84 1.58
C PRO A 146 -9.18 -24.88 0.87
N GLU A 147 -9.70 -25.83 1.64
CA GLU A 147 -10.39 -27.00 1.08
C GLU A 147 -11.52 -26.66 0.09
N ASP A 148 -12.40 -25.73 0.48
CA ASP A 148 -13.50 -25.26 -0.38
C ASP A 148 -13.13 -24.42 -1.66
N THR A 149 -11.85 -24.24 -1.96
CA THR A 149 -11.54 -23.34 -3.05
C THR A 149 -11.71 -23.93 -4.46
N GLN A 150 -12.21 -23.10 -5.38
CA GLN A 150 -12.43 -23.54 -6.73
C GLN A 150 -11.65 -22.72 -7.73
N TYR A 151 -11.03 -23.40 -8.67
CA TYR A 151 -10.19 -22.75 -9.65
C TYR A 151 -10.90 -22.70 -11.02
N PHE A 152 -10.62 -21.66 -11.79
CA PHE A 152 -11.26 -21.49 -13.08
C PHE A 152 -10.25 -21.08 -14.14
N LEU A 153 -10.33 -21.67 -15.32
CA LEU A 153 -9.35 -21.32 -16.33
C LEU A 153 -9.90 -20.53 -17.53
N TYR A 154 -9.20 -19.47 -17.89
CA TYR A 154 -9.54 -18.72 -19.09
C TYR A 154 -8.37 -18.75 -20.07
N TYR A 155 -8.66 -18.69 -21.37
CA TYR A 155 -7.58 -18.54 -22.36
C TYR A 155 -7.84 -17.39 -23.31
N ARG A 156 -6.78 -16.93 -23.95
CA ARG A 156 -6.92 -15.91 -24.97
C ARG A 156 -6.01 -16.14 -26.17
N TYR A 157 -6.57 -15.94 -27.36
CA TYR A 157 -5.76 -15.97 -28.52
C TYR A 157 -6.20 -14.81 -29.35
N GLY A 158 -5.23 -13.96 -29.72
CA GLY A 158 -5.56 -12.70 -30.38
C GLY A 158 -6.72 -12.10 -29.62
N SER A 159 -7.78 -11.78 -30.34
CA SER A 159 -8.82 -10.98 -29.73
C SER A 159 -9.90 -11.81 -29.01
N TRP A 160 -9.77 -13.14 -29.04
CA TRP A 160 -10.81 -14.01 -28.51
C TRP A 160 -10.47 -14.69 -27.19
N THR A 161 -11.31 -14.47 -26.18
CA THR A 161 -11.10 -15.01 -24.84
C THR A 161 -12.25 -15.97 -24.49
N GLU A 162 -11.94 -17.14 -23.93
CA GLU A 162 -13.01 -18.10 -23.52
C GLU A 162 -12.74 -18.59 -22.12
N GLU A 163 -13.80 -19.02 -21.45
CA GLU A 163 -13.64 -19.60 -20.16
C GLU A 163 -13.90 -21.11 -20.24
N CYS A 164 -13.18 -21.89 -19.44
CA CYS A 164 -13.24 -23.32 -19.62
C CYS A 164 -14.59 -23.88 -19.26
N GLN A 165 -15.02 -24.82 -20.09
CA GLN A 165 -16.33 -25.42 -19.96
C GLN A 165 -16.24 -26.80 -19.31
N GLU A 166 -15.17 -27.53 -19.57
CA GLU A 166 -15.17 -28.89 -19.04
C GLU A 166 -13.93 -29.33 -18.34
N TYR A 167 -14.01 -29.45 -17.02
CA TYR A 167 -12.85 -29.65 -16.19
C TYR A 167 -12.71 -31.06 -15.73
N SER A 168 -11.64 -31.29 -15.01
CA SER A 168 -11.39 -32.57 -14.43
C SER A 168 -10.89 -32.36 -12.99
N MET A 169 -11.62 -32.93 -12.04
CA MET A 169 -11.44 -32.61 -10.62
C MET A 169 -10.68 -33.67 -9.84
N ASP A 170 -10.03 -33.23 -8.77
CA ASP A 170 -9.29 -34.09 -7.86
C ASP A 170 -10.29 -34.69 -6.92
N THR A 171 -9.91 -35.72 -6.17
CA THR A 171 -10.91 -36.45 -5.37
C THR A 171 -11.41 -35.71 -4.11
N LEU A 172 -11.53 -34.38 -4.22
CA LEU A 172 -12.39 -33.59 -3.29
C LEU A 172 -12.62 -32.18 -3.86
N GLY A 173 -13.43 -32.25 -5.01
CA GLY A 173 -13.95 -31.00 -5.57
C GLY A 173 -13.08 -30.21 -6.53
N ARG A 174 -11.80 -30.02 -6.21
CA ARG A 174 -11.03 -28.96 -6.88
C ARG A 174 -10.56 -29.22 -8.34
N ASN A 175 -10.84 -28.25 -9.20
CA ASN A 175 -10.42 -28.33 -10.60
C ASN A 175 -8.91 -28.46 -10.72
N ILE A 176 -8.45 -29.44 -11.47
CA ILE A 176 -7.03 -29.68 -11.58
C ILE A 176 -6.64 -29.78 -13.06
N ALA A 177 -7.64 -29.79 -13.94
CA ALA A 177 -7.40 -29.92 -15.36
C ALA A 177 -8.46 -29.23 -16.20
N CYS A 178 -8.14 -28.93 -17.45
CA CYS A 178 -9.13 -28.39 -18.36
C CYS A 178 -8.99 -28.93 -19.79
N TRP A 179 -10.12 -29.05 -20.50
CA TRP A 179 -10.09 -29.53 -21.88
C TRP A 179 -11.05 -28.81 -22.80
N PHE A 180 -10.49 -28.27 -23.88
CA PHE A 180 -11.27 -27.64 -24.94
C PHE A 180 -11.10 -28.44 -26.22
N PRO A 181 -12.14 -29.16 -26.65
CA PRO A 181 -11.90 -29.89 -27.91
C PRO A 181 -11.78 -28.97 -29.13
N ARG A 182 -12.32 -27.76 -29.03
CA ARG A 182 -12.15 -26.76 -30.10
C ARG A 182 -11.79 -25.45 -29.46
N THR A 183 -11.20 -24.55 -30.24
CA THR A 183 -10.78 -23.25 -29.71
C THR A 183 -10.68 -22.27 -30.84
N PHE A 184 -10.31 -21.03 -30.56
CA PHE A 184 -10.18 -20.05 -31.62
C PHE A 184 -8.75 -19.92 -32.01
N ILE A 185 -7.92 -20.87 -31.57
CA ILE A 185 -6.48 -20.82 -31.79
C ILE A 185 -6.16 -21.23 -33.23
N LEU A 186 -5.57 -20.32 -34.01
CA LEU A 186 -5.08 -20.68 -35.34
C LEU A 186 -3.91 -21.66 -35.27
N SER A 187 -3.97 -22.69 -36.10
CA SER A 187 -2.90 -23.71 -36.22
C SER A 187 -1.55 -23.10 -36.59
N LYS A 188 -1.44 -22.59 -37.82
CA LYS A 188 -0.23 -21.92 -38.29
C LYS A 188 0.04 -20.60 -37.54
N GLY A 189 -0.58 -20.46 -36.38
CA GLY A 189 -0.50 -19.20 -35.64
C GLY A 189 0.88 -18.82 -35.13
N ARG A 190 1.14 -17.51 -35.12
CA ARG A 190 2.43 -17.01 -34.69
C ARG A 190 2.38 -16.08 -33.50
N ASP A 191 1.32 -16.20 -32.71
CA ASP A 191 1.11 -15.28 -31.63
C ASP A 191 1.13 -16.07 -30.37
N TRP A 192 1.04 -15.35 -29.24
CA TRP A 192 1.11 -15.96 -27.91
C TRP A 192 -0.25 -16.55 -27.46
N LEU A 193 -0.26 -17.68 -26.76
CA LEU A 193 -1.51 -18.15 -26.06
C LEU A 193 -1.37 -17.62 -24.64
N ALA A 194 -2.41 -17.01 -24.08
CA ALA A 194 -2.33 -16.51 -22.70
C ALA A 194 -3.30 -17.32 -21.90
N VAL A 195 -2.87 -17.84 -20.75
CA VAL A 195 -3.79 -18.58 -19.90
C VAL A 195 -3.86 -18.01 -18.50
N LEU A 196 -5.07 -17.86 -17.97
CA LEU A 196 -5.30 -17.31 -16.61
C LEU A 196 -6.00 -18.38 -15.74
N VAL A 197 -5.62 -18.50 -14.49
CA VAL A 197 -6.38 -19.39 -13.59
C VAL A 197 -6.72 -18.65 -12.28
N ASN A 198 -8.02 -18.36 -12.13
CA ASN A 198 -8.59 -17.67 -10.98
C ASN A 198 -8.93 -18.68 -9.91
N GLY A 199 -9.33 -18.15 -8.74
CA GLY A 199 -9.94 -18.95 -7.69
C GLY A 199 -10.74 -18.14 -6.70
N SER A 200 -11.38 -18.84 -5.79
CA SER A 200 -12.25 -18.22 -4.80
C SER A 200 -12.44 -19.24 -3.70
N SER A 201 -12.97 -18.80 -2.57
CA SER A 201 -13.24 -19.70 -1.45
C SER A 201 -13.90 -18.90 -0.33
N LYS A 202 -14.49 -19.61 0.63
CA LYS A 202 -15.16 -18.99 1.77
C LYS A 202 -14.17 -18.24 2.67
N HIS A 203 -12.98 -18.81 2.82
CA HIS A 203 -12.04 -18.44 3.90
C HIS A 203 -10.85 -17.58 3.42
N SER A 204 -11.05 -16.77 2.39
CA SER A 204 -9.99 -15.85 1.94
C SER A 204 -9.81 -15.72 0.43
N ALA A 205 -9.02 -14.73 0.05
CA ALA A 205 -8.71 -14.47 -1.35
C ALA A 205 -7.73 -15.50 -1.85
N ILE A 206 -7.86 -15.83 -3.14
CA ILE A 206 -6.93 -16.71 -3.83
C ILE A 206 -6.09 -15.95 -4.90
N ARG A 207 -4.77 -16.13 -4.88
CA ARG A 207 -3.86 -15.53 -5.90
C ARG A 207 -4.13 -16.03 -7.31
N PRO A 208 -4.42 -15.12 -8.23
CA PRO A 208 -4.55 -15.60 -9.59
C PRO A 208 -3.20 -16.05 -10.07
N PHE A 209 -3.17 -16.76 -11.20
CA PHE A 209 -1.93 -17.11 -11.88
C PHE A 209 -2.15 -17.12 -13.38
N ASP A 210 -1.27 -16.41 -14.12
CA ASP A 210 -1.29 -16.45 -15.56
C ASP A 210 0.07 -16.82 -16.16
N GLN A 211 0.06 -17.21 -17.45
CA GLN A 211 1.30 -17.35 -18.22
C GLN A 211 1.12 -17.30 -19.75
N LEU A 212 2.21 -17.04 -20.48
CA LEU A 212 2.19 -16.90 -21.92
C LEU A 212 2.88 -18.10 -22.54
N PHE A 213 2.23 -18.79 -23.47
CA PHE A 213 2.87 -19.90 -24.13
C PHE A 213 3.12 -19.59 -25.61
N ALA A 214 4.24 -20.04 -26.15
CA ALA A 214 4.41 -19.95 -27.58
C ALA A 214 3.92 -21.24 -28.17
N LEU A 215 3.21 -21.15 -29.29
CA LEU A 215 2.52 -22.32 -29.85
C LEU A 215 3.53 -23.42 -30.24
N HIS A 216 4.68 -23.01 -30.76
CA HIS A 216 5.61 -23.99 -31.22
C HIS A 216 6.12 -24.76 -30.01
N ALA A 217 6.03 -24.19 -28.82
CA ALA A 217 6.58 -24.90 -27.68
C ALA A 217 5.58 -25.94 -27.12
N ILE A 218 4.33 -25.87 -27.55
CA ILE A 218 3.30 -26.71 -26.92
C ILE A 218 2.42 -27.44 -27.89
N ASP A 219 2.73 -27.34 -29.19
CA ASP A 219 1.92 -28.00 -30.23
C ASP A 219 2.39 -29.43 -30.36
N GLN A 220 1.54 -30.37 -29.98
CA GLN A 220 1.86 -31.78 -30.06
C GLN A 220 1.66 -32.24 -31.50
N ILE A 221 2.71 -32.14 -32.30
CA ILE A 221 2.68 -32.60 -33.68
C ILE A 221 2.17 -34.08 -33.81
N ASN A 222 1.35 -34.33 -34.85
CA ASN A 222 0.81 -35.68 -35.05
C ASN A 222 1.79 -36.58 -35.79
N PRO A 223 1.83 -37.87 -35.43
CA PRO A 223 2.73 -38.81 -36.10
C PRO A 223 2.32 -38.88 -37.55
N PRO A 224 3.23 -39.28 -38.44
CA PRO A 224 2.90 -39.61 -39.80
C PRO A 224 1.93 -40.77 -39.84
N LEU A 225 1.02 -40.75 -40.79
CA LEU A 225 0.17 -41.94 -40.97
C LEU A 225 0.51 -42.73 -42.25
N ASN A 226 0.11 -44.01 -42.24
CA ASN A 226 0.30 -44.90 -43.37
C ASN A 226 1.69 -45.18 -43.79
N VAL A 227 2.53 -45.58 -42.84
CA VAL A 227 3.88 -45.92 -43.18
C VAL A 227 3.88 -47.32 -43.86
N THR A 228 4.49 -47.41 -45.03
CA THR A 228 4.53 -48.67 -45.76
C THR A 228 5.96 -49.01 -46.15
N ALA A 229 6.29 -50.29 -45.99
CA ALA A 229 7.61 -50.79 -46.34
C ALA A 229 7.46 -51.93 -47.34
N GLU A 230 8.06 -51.76 -48.51
CA GLU A 230 8.07 -52.85 -49.51
C GLU A 230 9.49 -53.36 -49.70
N ILE A 231 9.69 -54.63 -49.38
CA ILE A 231 11.01 -55.22 -49.43
C ILE A 231 11.15 -55.96 -50.75
N GLU A 232 12.19 -55.61 -51.52
CA GLU A 232 12.36 -56.16 -52.85
C GLU A 232 13.78 -56.64 -53.08
N GLY A 233 13.98 -57.95 -52.89
CA GLY A 233 15.30 -58.57 -52.95
C GLY A 233 16.25 -58.10 -51.87
N THR A 234 16.75 -56.89 -52.04
CA THR A 234 17.84 -56.40 -51.22
C THR A 234 17.60 -54.93 -50.83
N ARG A 235 16.65 -54.27 -51.50
CA ARG A 235 16.27 -52.87 -51.22
C ARG A 235 14.95 -52.80 -50.47
N MET A 236 14.83 -51.83 -49.57
CA MET A 236 13.56 -51.59 -48.88
C MET A 236 13.05 -50.19 -49.23
N SER A 237 11.80 -50.13 -49.66
CA SER A 237 11.13 -48.88 -49.94
C SER A 237 10.24 -48.57 -48.77
N ILE A 238 10.54 -47.49 -48.09
CA ILE A 238 9.69 -47.02 -47.01
C ILE A 238 8.97 -45.78 -47.51
N GLN A 239 7.79 -45.54 -46.96
CA GLN A 239 6.94 -44.50 -47.46
C GLN A 239 6.00 -44.10 -46.35
N TRP A 240 5.59 -42.83 -46.33
CA TRP A 240 4.69 -42.36 -45.29
C TRP A 240 4.00 -41.12 -45.74
N GLU A 241 2.97 -40.75 -45.01
CA GLU A 241 2.24 -39.53 -45.34
C GLU A 241 2.49 -38.42 -44.33
N LYS A 242 2.42 -37.20 -44.84
CA LYS A 242 2.53 -35.97 -44.05
C LYS A 242 1.56 -36.04 -42.88
N PRO A 243 2.02 -35.67 -41.69
CA PRO A 243 1.08 -35.73 -40.59
C PRO A 243 -0.09 -34.75 -40.82
N VAL A 244 -1.21 -35.09 -40.18
CA VAL A 244 -2.36 -34.21 -40.00
C VAL A 244 -1.97 -32.89 -39.33
N SER A 245 -1.96 -31.82 -40.12
CA SER A 245 -1.49 -30.52 -39.68
C SER A 245 -1.74 -29.55 -40.82
N ALA A 246 -1.69 -28.27 -40.52
CA ALA A 246 -2.07 -27.27 -41.52
C ALA A 246 -0.84 -26.64 -42.17
N PHE A 247 0.31 -27.15 -41.78
CA PHE A 247 1.55 -26.80 -42.47
C PHE A 247 1.65 -27.70 -43.69
N PRO A 248 2.09 -27.13 -44.84
CA PRO A 248 2.07 -27.90 -46.07
C PRO A 248 3.19 -28.95 -46.10
N ILE A 249 3.22 -29.73 -47.19
CA ILE A 249 4.09 -30.85 -47.32
C ILE A 249 5.56 -30.49 -47.10
N HIS A 250 5.96 -29.32 -47.57
CA HIS A 250 7.36 -28.98 -47.65
C HIS A 250 7.87 -28.42 -46.33
N CYS A 251 7.10 -28.59 -45.26
CA CYS A 251 7.45 -27.97 -43.97
C CYS A 251 7.84 -28.94 -42.90
N PHE A 252 8.11 -30.19 -43.27
CA PHE A 252 8.37 -31.17 -42.24
C PHE A 252 9.77 -31.78 -42.25
N ASP A 253 10.26 -32.10 -41.06
CA ASP A 253 11.48 -32.89 -40.91
C ASP A 253 11.02 -34.26 -40.45
N TYR A 254 11.64 -35.30 -40.98
CA TYR A 254 11.31 -36.64 -40.50
C TYR A 254 12.56 -37.33 -40.02
N GLU A 255 12.35 -38.31 -39.17
CA GLU A 255 13.37 -39.25 -38.84
C GLU A 255 12.77 -40.60 -39.10
N VAL A 256 13.48 -41.42 -39.86
CA VAL A 256 12.99 -42.74 -40.18
C VAL A 256 13.90 -43.73 -39.51
N LYS A 257 13.34 -44.68 -38.76
CA LYS A 257 14.21 -45.56 -38.00
C LYS A 257 14.01 -47.03 -38.36
N ILE A 258 15.06 -47.66 -38.85
CA ILE A 258 14.99 -49.02 -39.35
C ILE A 258 15.77 -49.94 -38.43
N HIS A 259 15.13 -50.96 -37.90
CA HIS A 259 15.72 -51.72 -36.82
C HIS A 259 15.68 -53.22 -37.04
N ASN A 260 16.85 -53.81 -37.17
CA ASN A 260 16.94 -55.23 -37.41
C ASN A 260 16.77 -56.07 -36.14
N THR A 261 15.63 -56.76 -36.06
CA THR A 261 15.26 -57.49 -34.85
C THR A 261 16.03 -58.78 -34.78
N ARG A 262 16.87 -59.03 -35.77
CA ARG A 262 17.65 -60.26 -35.76
C ARG A 262 19.02 -60.11 -35.10
N ASN A 263 19.59 -58.90 -35.13
CA ASN A 263 20.95 -58.71 -34.64
C ASN A 263 21.13 -57.39 -33.90
N GLY A 264 20.16 -56.50 -34.04
CA GLY A 264 20.15 -55.24 -33.30
C GLY A 264 20.46 -54.03 -34.19
N TYR A 265 20.90 -54.30 -35.41
CA TYR A 265 21.47 -53.26 -36.25
C TYR A 265 20.46 -52.16 -36.45
N LEU A 266 20.92 -50.93 -36.30
CA LEU A 266 20.01 -49.80 -36.23
C LEU A 266 20.39 -48.71 -37.23
N GLN A 267 19.41 -48.21 -37.96
CA GLN A 267 19.65 -47.10 -38.85
C GLN A 267 18.57 -46.04 -38.75
N ILE A 268 19.00 -44.80 -38.51
CA ILE A 268 18.08 -43.67 -38.45
C ILE A 268 18.52 -42.62 -39.43
N GLU A 269 17.59 -42.14 -40.22
CA GLU A 269 17.91 -41.16 -41.25
C GLU A 269 17.05 -39.96 -41.04
N LYS A 270 17.68 -38.80 -40.94
CA LYS A 270 16.92 -37.56 -40.91
C LYS A 270 16.79 -37.02 -42.35
N LEU A 271 15.59 -36.55 -42.71
CA LEU A 271 15.32 -36.08 -44.08
C LEU A 271 14.00 -35.29 -44.23
N MET A 272 13.84 -34.54 -45.33
CA MET A 272 12.65 -33.68 -45.48
C MET A 272 11.65 -34.20 -46.52
N THR A 273 12.03 -35.23 -47.27
CA THR A 273 11.11 -35.86 -48.24
C THR A 273 10.23 -36.95 -47.56
N ASN A 274 9.38 -37.59 -48.35
CA ASN A 274 8.40 -38.53 -47.80
C ASN A 274 8.68 -39.98 -48.10
N ALA A 275 9.86 -40.25 -48.66
CA ALA A 275 10.25 -41.59 -49.02
C ALA A 275 11.76 -41.80 -48.82
N PHE A 276 12.14 -43.06 -48.62
CA PHE A 276 13.51 -43.43 -48.32
C PHE A 276 13.85 -44.85 -48.79
N ILE A 277 15.01 -44.99 -49.41
CA ILE A 277 15.44 -46.26 -49.94
C ILE A 277 16.71 -46.72 -49.23
N SER A 278 16.61 -47.76 -48.42
CA SER A 278 17.75 -48.23 -47.64
C SER A 278 18.12 -49.65 -48.03
N ILE A 279 19.42 -49.90 -48.20
CA ILE A 279 19.93 -51.25 -48.47
C ILE A 279 19.73 -52.11 -47.24
N ILE A 280 19.50 -53.39 -47.45
CA ILE A 280 19.11 -54.24 -46.36
C ILE A 280 19.62 -55.69 -46.57
N ASP A 281 19.43 -56.56 -45.58
CA ASP A 281 19.79 -57.96 -45.76
C ASP A 281 18.54 -58.85 -45.83
N ASP A 282 18.68 -60.04 -46.42
CA ASP A 282 17.49 -60.84 -46.72
C ASP A 282 17.17 -61.99 -45.77
N LEU A 283 17.73 -61.96 -44.56
CA LEU A 283 17.42 -63.02 -43.59
C LEU A 283 16.93 -62.46 -42.26
N SER A 284 16.28 -61.30 -42.30
CA SER A 284 15.87 -60.64 -41.05
C SER A 284 14.48 -60.04 -41.10
N LYS A 285 13.81 -60.03 -39.96
CA LYS A 285 12.59 -59.27 -39.79
C LYS A 285 13.00 -57.89 -39.25
N TYR A 286 12.54 -56.83 -39.93
CA TYR A 286 12.83 -55.46 -39.52
C TYR A 286 11.58 -54.83 -39.01
N ASP A 287 11.67 -53.97 -38.03
CA ASP A 287 10.55 -53.08 -37.74
C ASP A 287 10.94 -51.65 -38.12
N VAL A 288 9.99 -50.87 -38.63
CA VAL A 288 10.30 -49.52 -39.05
C VAL A 288 9.31 -48.49 -38.52
N GLN A 289 9.82 -47.41 -37.93
CA GLN A 289 8.97 -46.30 -37.43
C GLN A 289 9.31 -44.94 -38.05
N VAL A 290 8.37 -44.01 -37.97
CA VAL A 290 8.68 -42.67 -38.43
C VAL A 290 8.14 -41.58 -37.51
N ARG A 291 8.88 -40.49 -37.43
CA ARG A 291 8.68 -39.48 -36.43
C ARG A 291 8.67 -38.16 -37.21
N ALA A 292 8.04 -37.12 -36.67
CA ALA A 292 7.91 -35.85 -37.42
C ALA A 292 7.94 -34.62 -36.57
N ALA A 293 8.40 -33.53 -37.20
CA ALA A 293 8.51 -32.20 -36.60
C ALA A 293 8.41 -31.17 -37.74
N VAL A 294 8.03 -29.93 -37.42
CA VAL A 294 7.88 -28.97 -38.46
C VAL A 294 9.17 -28.22 -38.57
N SER A 295 9.58 -27.96 -39.80
CA SER A 295 10.93 -27.48 -40.10
C SER A 295 11.22 -26.13 -39.51
N SER A 296 12.38 -26.02 -38.87
CA SER A 296 12.83 -24.71 -38.43
C SER A 296 12.72 -23.75 -39.61
N MET A 297 12.72 -24.25 -40.82
CA MET A 297 12.54 -23.33 -41.94
C MET A 297 11.11 -22.73 -42.08
N CYS A 298 10.09 -23.38 -41.53
CA CYS A 298 8.75 -22.80 -41.57
C CYS A 298 8.33 -22.12 -40.23
N ARG A 299 8.78 -22.63 -39.10
CA ARG A 299 8.46 -22.05 -37.78
C ARG A 299 9.60 -22.32 -36.81
N GLU A 300 9.63 -21.70 -35.65
CA GLU A 300 10.78 -21.94 -34.75
C GLU A 300 10.73 -23.33 -34.19
N ALA A 301 11.87 -23.85 -33.78
CA ALA A 301 11.94 -25.24 -33.33
C ALA A 301 10.89 -25.53 -32.27
N GLY A 302 10.13 -26.61 -32.49
CA GLY A 302 9.11 -27.15 -31.57
C GLY A 302 9.36 -28.61 -31.21
N LEU A 303 8.29 -29.34 -30.93
CA LEU A 303 8.34 -30.73 -30.46
C LEU A 303 8.30 -31.79 -31.59
N TRP A 304 8.96 -32.91 -31.35
CA TRP A 304 8.79 -34.11 -32.16
C TRP A 304 7.50 -34.93 -31.81
N SER A 305 6.96 -35.60 -32.81
CA SER A 305 5.77 -36.37 -32.58
C SER A 305 6.17 -37.66 -31.96
N GLU A 306 5.21 -38.41 -31.45
CA GLU A 306 5.47 -39.79 -31.14
C GLU A 306 5.94 -40.45 -32.44
N TRP A 307 6.55 -41.63 -32.33
CA TRP A 307 6.84 -42.46 -33.49
C TRP A 307 5.58 -43.22 -33.88
N SER A 308 5.34 -43.38 -35.19
CA SER A 308 4.23 -44.19 -35.67
C SER A 308 4.36 -45.61 -35.11
N GLN A 309 3.30 -46.39 -35.27
CA GLN A 309 3.31 -47.72 -34.72
C GLN A 309 4.20 -48.60 -35.57
N PRO A 310 4.93 -49.50 -34.90
CA PRO A 310 5.78 -50.44 -35.61
C PRO A 310 5.01 -51.11 -36.73
N ILE A 311 5.63 -51.21 -37.91
CA ILE A 311 5.18 -52.12 -38.97
C ILE A 311 6.36 -53.00 -39.24
N TYR A 312 6.12 -54.20 -39.77
CA TYR A 312 7.16 -55.25 -39.86
C TYR A 312 7.38 -55.70 -41.29
N VAL A 313 8.64 -55.91 -41.69
CA VAL A 313 8.90 -56.54 -43.00
C VAL A 313 10.03 -57.53 -42.96
N GLY A 314 9.90 -58.60 -43.75
CA GLY A 314 10.91 -59.65 -43.82
C GLY A 314 10.62 -60.77 -42.85
N PHE A 315 11.29 -61.91 -43.03
CA PHE A 315 11.08 -63.07 -42.15
C PHE A 315 12.43 -63.55 -41.59
N THR B 5 -9.94 4.81 -35.08
CA THR B 5 -10.22 3.76 -36.11
C THR B 5 -11.29 2.79 -35.60
N GLU B 6 -11.96 2.09 -36.53
CA GLU B 6 -13.09 1.18 -36.21
C GLU B 6 -12.79 -0.28 -36.54
N ILE B 7 -12.46 -1.06 -35.52
CA ILE B 7 -12.43 -2.51 -35.64
C ILE B 7 -13.55 -3.01 -36.58
N PRO B 8 -13.19 -3.44 -37.81
CA PRO B 8 -14.18 -3.78 -38.79
C PRO B 8 -14.66 -5.16 -38.51
N THR B 9 -15.72 -5.23 -37.73
CA THR B 9 -16.26 -6.50 -37.29
C THR B 9 -16.41 -7.47 -38.46
N SER B 10 -16.32 -8.76 -38.16
CA SER B 10 -16.49 -9.83 -39.17
C SER B 10 -17.97 -10.10 -39.58
N ALA B 11 -18.91 -9.36 -38.99
CA ALA B 11 -20.24 -9.25 -39.58
C ALA B 11 -20.20 -8.17 -40.67
N LEU B 12 -19.39 -7.14 -40.44
CA LEU B 12 -19.32 -6.02 -41.34
C LEU B 12 -18.65 -6.43 -42.65
N VAL B 13 -17.42 -6.88 -42.54
CA VAL B 13 -16.81 -7.55 -43.62
C VAL B 13 -17.84 -8.46 -44.27
N LYS B 14 -18.54 -9.26 -43.48
CA LYS B 14 -19.50 -10.23 -44.01
C LYS B 14 -20.69 -9.57 -44.71
N GLU B 15 -21.16 -8.45 -44.15
CA GLU B 15 -22.23 -7.65 -44.77
C GLU B 15 -21.76 -7.07 -46.10
N THR B 16 -20.58 -6.45 -46.08
CA THR B 16 -19.99 -5.94 -47.30
C THR B 16 -19.92 -7.00 -48.41
N LEU B 17 -19.50 -8.20 -48.05
CA LEU B 17 -19.48 -9.28 -49.03
C LEU B 17 -20.83 -9.46 -49.67
N ALA B 18 -21.88 -9.36 -48.86
CA ALA B 18 -23.24 -9.59 -49.36
C ALA B 18 -23.68 -8.45 -50.28
N LEU B 19 -23.46 -7.25 -49.80
CA LEU B 19 -23.71 -6.05 -50.59
C LEU B 19 -22.97 -6.07 -51.93
N LEU B 20 -21.76 -6.61 -51.93
CA LEU B 20 -20.99 -6.74 -53.16
C LEU B 20 -21.66 -7.65 -54.16
N SER B 21 -22.02 -8.84 -53.69
CA SER B 21 -22.69 -9.84 -54.53
C SER B 21 -23.98 -9.29 -55.17
N THR B 22 -24.70 -8.44 -54.42
CA THR B 22 -25.91 -7.80 -54.93
C THR B 22 -25.62 -6.85 -56.09
N HIS B 23 -24.77 -5.88 -55.84
CA HIS B 23 -24.54 -4.83 -56.84
C HIS B 23 -23.61 -5.18 -58.01
N ARG B 24 -23.07 -6.39 -57.97
CA ARG B 24 -22.32 -6.92 -59.09
C ARG B 24 -22.83 -6.34 -60.41
N THR B 25 -24.05 -6.70 -60.78
CA THR B 25 -24.60 -6.31 -62.08
C THR B 25 -24.55 -4.81 -62.38
N LEU B 26 -24.98 -3.98 -61.45
CA LEU B 26 -24.81 -2.53 -61.59
C LEU B 26 -23.36 -2.15 -61.83
N LEU B 27 -22.45 -2.76 -61.07
CA LEU B 27 -21.03 -2.38 -61.10
C LEU B 27 -20.31 -2.72 -62.42
N ILE B 28 -20.52 -3.93 -62.95
CA ILE B 28 -19.96 -4.26 -64.25
C ILE B 28 -20.41 -3.31 -65.39
N ALA B 29 -21.56 -2.67 -65.22
CA ALA B 29 -22.21 -1.99 -66.34
C ALA B 29 -21.37 -0.96 -67.12
N ASN B 30 -20.05 -1.00 -66.97
CA ASN B 30 -19.17 -0.18 -67.85
C ASN B 30 -18.17 -1.01 -68.67
N GLU B 31 -18.60 -1.50 -69.83
CA GLU B 31 -17.76 -2.36 -70.65
C GLU B 31 -16.41 -1.76 -70.91
N THR B 32 -16.31 -0.44 -70.82
CA THR B 32 -15.06 0.24 -71.17
C THR B 32 -14.02 0.17 -70.09
N LEU B 33 -14.43 -0.27 -68.90
CA LEU B 33 -13.53 -0.25 -67.76
C LEU B 33 -12.54 -1.44 -67.69
N ARG B 34 -11.28 -1.11 -67.44
CA ARG B 34 -10.26 -2.12 -67.15
C ARG B 34 -9.67 -1.84 -65.77
N ILE B 35 -9.44 -2.86 -64.97
CA ILE B 35 -8.89 -2.58 -63.66
C ILE B 35 -7.73 -3.51 -63.30
N PRO B 36 -6.56 -2.91 -62.99
CA PRO B 36 -5.44 -3.68 -62.54
C PRO B 36 -5.93 -4.78 -61.66
N VAL B 37 -5.57 -6.03 -61.98
CA VAL B 37 -5.77 -7.14 -61.07
C VAL B 37 -4.51 -7.98 -60.94
N PRO B 38 -4.08 -8.21 -59.69
CA PRO B 38 -2.95 -9.04 -59.32
C PRO B 38 -3.03 -10.45 -59.92
N VAL B 39 -1.92 -10.93 -60.46
CA VAL B 39 -1.82 -12.33 -60.93
C VAL B 39 -1.63 -13.41 -59.82
N HIS B 40 -1.08 -13.00 -58.68
CA HIS B 40 -0.81 -13.90 -57.52
C HIS B 40 -1.82 -13.63 -56.41
N LYS B 41 -1.83 -14.42 -55.36
CA LYS B 41 -2.83 -14.27 -54.34
C LYS B 41 -2.34 -13.70 -53.01
N ASN B 42 -1.20 -13.00 -53.02
CA ASN B 42 -0.78 -12.32 -51.79
C ASN B 42 -1.41 -10.95 -51.71
N HIS B 43 -2.64 -10.96 -51.24
CA HIS B 43 -3.43 -9.74 -51.09
C HIS B 43 -2.71 -8.66 -50.29
N GLN B 44 -2.13 -9.05 -49.16
CA GLN B 44 -1.52 -8.08 -48.28
C GLN B 44 -0.46 -7.24 -48.96
N LEU B 45 0.16 -7.77 -49.99
CA LEU B 45 1.02 -6.96 -50.79
C LEU B 45 0.26 -5.94 -51.65
N CYS B 46 -1.00 -6.21 -51.99
CA CYS B 46 -1.68 -5.39 -53.03
C CYS B 46 -2.76 -4.41 -52.53
N THR B 47 -2.80 -4.19 -51.22
CA THR B 47 -3.86 -3.42 -50.66
C THR B 47 -3.89 -2.08 -51.37
N GLU B 48 -2.74 -1.57 -51.75
CA GLU B 48 -2.75 -0.33 -52.45
C GLU B 48 -3.65 -0.41 -53.69
N GLU B 49 -3.41 -1.40 -54.55
CA GLU B 49 -4.15 -1.53 -55.84
C GLU B 49 -5.63 -1.88 -55.62
N ILE B 50 -5.88 -2.78 -54.70
CA ILE B 50 -7.24 -3.05 -54.36
C ILE B 50 -8.09 -1.76 -54.16
N PHE B 51 -7.58 -0.77 -53.45
CA PHE B 51 -8.38 0.40 -53.10
C PHE B 51 -8.42 1.44 -54.17
N GLN B 52 -7.37 1.42 -54.97
CA GLN B 52 -7.27 2.19 -56.17
C GLN B 52 -8.38 1.81 -57.15
N GLY B 53 -8.56 0.52 -57.41
CA GLY B 53 -9.67 0.05 -58.27
C GLY B 53 -11.04 0.37 -57.69
N ILE B 54 -11.24 -0.01 -56.40
CA ILE B 54 -12.41 0.43 -55.69
C ILE B 54 -12.63 1.90 -55.99
N GLY B 55 -11.68 2.75 -55.63
CA GLY B 55 -11.63 4.18 -56.09
C GLY B 55 -12.20 4.47 -57.47
N THR B 56 -11.86 3.66 -58.47
CA THR B 56 -12.38 4.02 -59.76
C THR B 56 -13.84 3.53 -59.98
N LEU B 57 -14.22 2.40 -59.38
CA LEU B 57 -15.64 2.02 -59.36
C LEU B 57 -16.42 3.12 -58.70
N GLU B 58 -15.92 3.58 -57.55
CA GLU B 58 -16.61 4.59 -56.81
C GLU B 58 -16.79 5.83 -57.66
N SER B 59 -15.67 6.39 -58.15
CA SER B 59 -15.73 7.67 -58.84
C SER B 59 -16.75 7.59 -60.00
N GLN B 60 -17.10 6.39 -60.40
CA GLN B 60 -17.99 6.22 -61.56
C GLN B 60 -19.45 6.00 -61.20
N THR B 61 -19.69 5.31 -60.10
CA THR B 61 -21.04 4.93 -59.74
C THR B 61 -21.77 6.08 -59.06
N VAL B 62 -23.10 6.05 -59.11
CA VAL B 62 -23.93 7.00 -58.37
C VAL B 62 -24.24 6.48 -56.96
N GLN B 63 -23.85 7.29 -55.97
CA GLN B 63 -24.08 6.95 -54.56
C GLN B 63 -25.52 7.23 -54.16
N GLY B 64 -26.09 6.29 -53.41
CA GLY B 64 -27.47 6.34 -52.99
C GLY B 64 -27.88 4.91 -52.74
N GLY B 65 -28.92 4.71 -51.95
CA GLY B 65 -29.41 3.37 -51.66
C GLY B 65 -28.38 2.57 -50.87
N THR B 66 -28.54 1.25 -50.86
CA THR B 66 -27.51 0.38 -50.32
C THR B 66 -26.21 0.42 -51.11
N VAL B 67 -26.23 0.96 -52.31
CA VAL B 67 -25.00 1.10 -53.08
C VAL B 67 -24.01 2.03 -52.35
N GLU B 68 -24.51 3.04 -51.65
CA GLU B 68 -23.63 3.93 -50.88
C GLU B 68 -23.02 3.19 -49.66
N ARG B 69 -23.87 2.51 -48.91
CA ARG B 69 -23.39 1.74 -47.79
C ARG B 69 -22.21 0.84 -48.17
N LEU B 70 -22.24 0.31 -49.41
CA LEU B 70 -21.14 -0.53 -49.95
C LEU B 70 -19.82 0.19 -49.86
N PHE B 71 -19.73 1.33 -50.54
CA PHE B 71 -18.49 2.10 -50.58
C PHE B 71 -18.14 2.73 -49.24
N LYS B 72 -19.16 3.00 -48.44
CA LYS B 72 -18.94 3.41 -47.07
C LYS B 72 -18.30 2.28 -46.27
N ASN B 73 -18.74 1.07 -46.50
CA ASN B 73 -18.09 -0.02 -45.84
C ASN B 73 -16.67 -0.19 -46.33
N LEU B 74 -16.46 -0.12 -47.64
CA LEU B 74 -15.13 -0.37 -48.14
C LEU B 74 -14.25 0.73 -47.59
N SER B 75 -14.79 1.93 -47.53
CA SER B 75 -14.00 3.05 -47.09
C SER B 75 -13.49 2.82 -45.69
N LEU B 76 -14.26 2.14 -44.90
CA LEU B 76 -13.99 2.07 -43.53
C LEU B 76 -12.99 0.94 -43.33
N ILE B 77 -13.08 -0.08 -44.18
CA ILE B 77 -12.06 -1.11 -44.24
C ILE B 77 -10.75 -0.54 -44.74
N LYS B 78 -10.77 0.35 -45.71
CA LYS B 78 -9.52 0.98 -46.12
C LYS B 78 -8.81 1.71 -44.99
N LYS B 79 -9.56 2.43 -44.14
CA LYS B 79 -8.92 3.25 -43.10
C LYS B 79 -8.26 2.38 -42.08
N TYR B 80 -8.96 1.29 -41.76
CA TYR B 80 -8.45 0.23 -40.96
C TYR B 80 -7.17 -0.30 -41.52
N ILE B 81 -7.12 -0.55 -42.81
CA ILE B 81 -5.88 -1.06 -43.34
C ILE B 81 -4.73 -0.04 -43.19
N ASP B 82 -5.02 1.23 -43.35
CA ASP B 82 -4.00 2.24 -43.06
C ASP B 82 -3.66 2.32 -41.59
N GLY B 83 -4.60 1.99 -40.73
CA GLY B 83 -4.29 2.01 -39.34
C GLY B 83 -3.17 1.01 -39.15
N GLN B 84 -3.24 -0.03 -39.93
CA GLN B 84 -2.47 -1.18 -39.69
C GLN B 84 -1.08 -0.97 -40.26
N LYS B 85 -0.97 -0.26 -41.37
CA LYS B 85 0.36 0.06 -41.87
C LYS B 85 1.12 1.03 -40.96
N LYS B 86 0.48 2.11 -40.51
CA LYS B 86 1.11 3.00 -39.55
C LYS B 86 1.62 2.15 -38.39
N LYS B 87 0.90 1.12 -38.07
CA LYS B 87 1.31 0.29 -36.97
C LYS B 87 2.58 -0.53 -37.30
N CYS B 88 3.03 -0.43 -38.54
CA CYS B 88 4.22 -1.17 -38.95
C CYS B 88 5.48 -0.54 -38.39
N GLY B 89 5.47 0.77 -38.17
CA GLY B 89 6.68 1.46 -37.72
C GLY B 89 6.48 2.59 -36.75
N GLU B 90 5.59 2.45 -35.79
CA GLU B 90 5.53 3.44 -34.73
C GLU B 90 6.31 3.15 -33.47
N GLU B 91 6.83 1.95 -33.35
CA GLU B 91 7.68 1.62 -32.24
C GLU B 91 9.05 1.11 -32.73
N ARG B 92 10.14 1.71 -32.21
CA ARG B 92 11.48 1.20 -32.47
C ARG B 92 11.99 0.35 -31.32
N ARG B 93 12.42 -0.88 -31.60
CA ARG B 93 12.79 -1.82 -30.55
C ARG B 93 14.23 -2.34 -30.69
N ARG B 94 14.78 -2.93 -29.62
CA ARG B 94 16.11 -3.57 -29.67
C ARG B 94 16.26 -4.44 -30.89
N VAL B 95 17.46 -4.50 -31.46
CA VAL B 95 17.78 -5.47 -32.53
C VAL B 95 17.31 -6.88 -32.17
N ASN B 96 17.59 -7.30 -31.00
CA ASN B 96 17.18 -8.63 -30.66
C ASN B 96 15.72 -8.90 -31.11
N GLN B 97 14.87 -7.87 -31.04
CA GLN B 97 13.40 -8.10 -31.13
C GLN B 97 13.00 -7.94 -32.57
N PHE B 98 13.78 -7.16 -33.28
CA PHE B 98 13.57 -7.06 -34.69
C PHE B 98 14.04 -8.33 -35.38
N LEU B 99 15.04 -9.00 -34.83
CA LEU B 99 15.54 -10.20 -35.44
C LEU B 99 14.46 -11.22 -35.39
N ASP B 100 13.91 -11.47 -34.19
CA ASP B 100 12.72 -12.36 -34.03
C ASP B 100 11.66 -12.08 -35.15
N TYR B 101 11.21 -10.84 -35.30
CA TYR B 101 10.21 -10.52 -36.28
C TYR B 101 10.66 -10.96 -37.67
N LEU B 102 11.86 -10.54 -38.10
CA LEU B 102 12.42 -10.87 -39.44
C LEU B 102 12.37 -12.36 -39.65
N GLN B 103 12.60 -13.09 -38.59
CA GLN B 103 12.62 -14.52 -38.68
C GLN B 103 11.23 -15.05 -38.94
N GLU B 104 10.24 -14.47 -38.29
CA GLU B 104 8.88 -14.95 -38.44
C GLU B 104 8.48 -14.75 -39.87
N PHE B 105 8.71 -13.55 -40.32
CA PHE B 105 8.39 -13.15 -41.66
C PHE B 105 8.90 -14.14 -42.67
N LEU B 106 10.16 -14.54 -42.51
CA LEU B 106 10.80 -15.38 -43.48
C LEU B 106 10.10 -16.69 -43.46
N GLY B 107 9.83 -17.20 -42.26
CA GLY B 107 9.17 -18.48 -42.10
C GLY B 107 7.77 -18.49 -42.67
N VAL B 108 7.01 -17.44 -42.48
CA VAL B 108 5.66 -17.40 -43.07
C VAL B 108 5.72 -17.21 -44.59
N MET B 109 6.64 -16.38 -45.05
CA MET B 109 6.91 -16.33 -46.48
C MET B 109 7.22 -17.72 -46.99
N ASN B 110 7.89 -18.54 -46.21
CA ASN B 110 8.27 -19.86 -46.72
C ASN B 110 7.12 -20.84 -46.67
N THR B 111 6.18 -20.62 -45.78
CA THR B 111 5.19 -21.63 -45.59
C THR B 111 3.91 -21.35 -46.38
N GLU B 112 3.79 -20.11 -46.86
CA GLU B 112 2.58 -19.66 -47.53
C GLU B 112 2.68 -19.49 -49.04
N TRP B 113 3.88 -19.29 -49.57
CA TRP B 113 4.03 -19.05 -51.03
C TRP B 113 4.70 -20.20 -51.81
N ILE B 114 4.44 -20.24 -53.12
CA ILE B 114 5.06 -21.24 -54.00
C ILE B 114 4.10 -21.62 -55.16
N PRO C 8 13.66 -19.09 -59.45
CA PRO C 8 13.59 -17.97 -58.50
C PRO C 8 14.29 -18.23 -57.16
N THR C 9 13.52 -18.26 -56.08
CA THR C 9 14.08 -18.07 -54.76
C THR C 9 13.44 -18.92 -53.65
N SER C 10 13.26 -20.21 -53.91
CA SER C 10 12.88 -21.14 -52.87
C SER C 10 14.14 -21.41 -52.04
N ALA C 11 15.18 -21.88 -52.73
CA ALA C 11 16.43 -22.26 -52.08
C ALA C 11 16.90 -21.22 -51.06
N LEU C 12 16.87 -19.96 -51.48
CA LEU C 12 17.36 -18.82 -50.70
C LEU C 12 16.96 -18.87 -49.24
N VAL C 13 15.69 -18.54 -48.99
CA VAL C 13 15.20 -18.34 -47.63
C VAL C 13 15.70 -19.38 -46.62
N LYS C 14 15.52 -20.66 -46.93
CA LYS C 14 15.83 -21.65 -45.93
C LYS C 14 17.26 -21.46 -45.44
N GLU C 15 18.14 -21.05 -46.35
CA GLU C 15 19.57 -20.95 -46.05
C GLU C 15 19.87 -19.69 -45.28
N THR C 16 19.21 -18.60 -45.69
CA THR C 16 19.42 -17.33 -45.06
C THR C 16 18.86 -17.29 -43.62
N LEU C 17 17.92 -18.18 -43.32
CA LEU C 17 17.48 -18.42 -41.94
C LEU C 17 18.56 -18.91 -40.97
N ALA C 18 19.28 -19.97 -41.35
CA ALA C 18 20.30 -20.52 -40.45
C ALA C 18 21.48 -19.59 -40.43
N LEU C 19 21.56 -18.75 -41.46
CA LEU C 19 22.61 -17.77 -41.57
C LEU C 19 22.27 -16.69 -40.55
N LEU C 20 21.00 -16.35 -40.50
CA LEU C 20 20.51 -15.43 -39.50
C LEU C 20 20.78 -15.99 -38.14
N SER C 21 20.62 -17.28 -37.99
CA SER C 21 20.75 -17.85 -36.67
C SER C 21 22.19 -17.80 -36.19
N THR C 22 23.12 -18.08 -37.08
CA THR C 22 24.50 -18.13 -36.65
C THR C 22 25.15 -16.77 -36.45
N HIS C 23 24.57 -15.72 -37.04
CA HIS C 23 25.16 -14.38 -36.90
C HIS C 23 24.41 -13.50 -35.91
N ARG C 24 23.61 -14.15 -35.08
CA ARG C 24 22.81 -13.47 -34.11
C ARG C 24 23.63 -12.61 -33.12
N THR C 25 24.44 -13.25 -32.25
CA THR C 25 25.22 -12.53 -31.21
C THR C 25 26.01 -11.38 -31.80
N LEU C 26 26.49 -11.56 -33.01
CA LEU C 26 27.19 -10.46 -33.62
C LEU C 26 26.22 -9.32 -33.93
N LEU C 27 25.00 -9.66 -34.37
CA LEU C 27 24.11 -8.63 -34.88
C LEU C 27 23.50 -7.92 -33.72
N ILE C 28 23.31 -8.65 -32.64
CA ILE C 28 22.56 -8.14 -31.50
C ILE C 28 23.50 -7.45 -30.50
N ALA C 29 24.65 -6.98 -30.97
CA ALA C 29 25.68 -6.45 -30.07
C ALA C 29 25.68 -4.91 -29.90
N ASN C 30 24.99 -4.20 -30.79
CA ASN C 30 24.80 -2.76 -30.64
C ASN C 30 23.53 -2.50 -29.80
N GLU C 31 23.64 -2.40 -28.48
CA GLU C 31 22.42 -2.43 -27.65
C GLU C 31 21.72 -1.10 -27.58
N THR C 32 22.33 -0.10 -28.21
CA THR C 32 21.78 1.23 -28.17
C THR C 32 20.89 1.45 -29.37
N LEU C 33 20.99 0.58 -30.37
CA LEU C 33 20.30 0.76 -31.64
C LEU C 33 18.86 0.31 -31.56
N ARG C 34 17.98 1.06 -32.19
CA ARG C 34 16.53 0.79 -32.15
C ARG C 34 16.01 0.74 -33.56
N ILE C 35 15.33 -0.34 -33.91
CA ILE C 35 14.73 -0.40 -35.23
C ILE C 35 13.26 -0.63 -35.17
N PRO C 36 12.51 0.03 -36.05
CA PRO C 36 11.08 -0.19 -36.25
C PRO C 36 10.70 -1.67 -36.25
N VAL C 37 9.68 -2.02 -35.52
CA VAL C 37 9.23 -3.37 -35.52
C VAL C 37 7.75 -3.26 -35.36
N PRO C 38 6.95 -3.89 -36.26
CA PRO C 38 5.48 -3.75 -36.27
C PRO C 38 4.89 -4.19 -34.98
N VAL C 39 3.77 -3.62 -34.57
CA VAL C 39 3.13 -4.16 -33.42
C VAL C 39 2.09 -5.27 -33.69
N HIS C 40 1.91 -5.72 -34.93
CA HIS C 40 0.90 -6.76 -35.21
C HIS C 40 1.51 -7.86 -36.10
N LYS C 41 0.80 -8.97 -36.29
CA LYS C 41 1.42 -10.02 -37.09
C LYS C 41 0.86 -10.27 -38.50
N ASN C 42 0.56 -9.21 -39.24
CA ASN C 42 0.28 -9.33 -40.65
C ASN C 42 1.52 -8.87 -41.35
N HIS C 43 2.54 -9.72 -41.25
CA HIS C 43 3.89 -9.35 -41.65
C HIS C 43 3.87 -8.67 -43.00
N GLN C 44 3.08 -9.21 -43.92
CA GLN C 44 3.22 -8.79 -45.29
C GLN C 44 2.79 -7.38 -45.57
N LEU C 45 2.17 -6.75 -44.59
CA LEU C 45 1.75 -5.37 -44.79
C LEU C 45 2.93 -4.47 -44.56
N CYS C 46 4.03 -5.03 -44.07
CA CYS C 46 5.08 -4.27 -43.44
C CYS C 46 6.43 -4.45 -44.09
N THR C 47 6.47 -4.97 -45.30
CA THR C 47 7.74 -5.26 -45.94
C THR C 47 8.54 -3.99 -46.13
N GLU C 48 7.89 -2.90 -46.41
CA GLU C 48 8.64 -1.68 -46.63
C GLU C 48 9.47 -1.38 -45.37
N GLU C 49 8.86 -1.49 -44.19
CA GLU C 49 9.58 -1.23 -42.93
C GLU C 49 10.58 -2.31 -42.67
N ILE C 50 10.18 -3.56 -42.78
CA ILE C 50 11.11 -4.63 -42.54
C ILE C 50 12.37 -4.44 -43.35
N PHE C 51 12.24 -3.91 -44.56
CA PHE C 51 13.45 -3.78 -45.37
C PHE C 51 14.24 -2.58 -45.07
N GLN C 52 13.62 -1.52 -44.59
CA GLN C 52 14.46 -0.43 -44.19
C GLN C 52 15.21 -0.62 -42.87
N GLY C 53 14.69 -1.46 -41.99
CA GLY C 53 15.40 -1.88 -40.81
C GLY C 53 16.65 -2.67 -41.14
N ILE C 54 16.52 -3.73 -41.96
CA ILE C 54 17.70 -4.43 -42.48
C ILE C 54 18.72 -3.38 -43.08
N GLY C 55 18.23 -2.39 -43.78
CA GLY C 55 19.18 -1.49 -44.36
C GLY C 55 19.99 -0.83 -43.28
N THR C 56 19.29 -0.42 -42.22
CA THR C 56 19.97 0.35 -41.21
C THR C 56 20.85 -0.56 -40.43
N LEU C 57 20.38 -1.79 -40.18
CA LEU C 57 21.20 -2.81 -39.52
C LEU C 57 22.47 -3.00 -40.32
N GLU C 58 22.34 -3.16 -41.62
CA GLU C 58 23.46 -3.42 -42.47
C GLU C 58 24.52 -2.31 -42.47
N SER C 59 24.10 -1.07 -42.36
CA SER C 59 25.05 0.06 -42.41
C SER C 59 25.77 0.18 -41.06
N GLN C 60 25.36 -0.65 -40.13
CA GLN C 60 25.72 -0.47 -38.77
C GLN C 60 26.63 -1.60 -38.37
N THR C 61 26.68 -2.64 -39.18
CA THR C 61 27.33 -3.87 -38.75
C THR C 61 28.55 -4.08 -39.61
N VAL C 62 29.65 -4.56 -39.03
CA VAL C 62 30.94 -4.59 -39.74
C VAL C 62 31.08 -5.66 -40.84
N GLN C 63 31.32 -5.21 -42.07
CA GLN C 63 31.20 -6.06 -43.27
C GLN C 63 32.37 -7.04 -43.51
N GLY C 64 32.90 -7.59 -42.44
CA GLY C 64 33.82 -8.71 -42.56
C GLY C 64 33.09 -10.03 -42.32
N GLY C 65 33.48 -11.06 -43.07
CA GLY C 65 33.01 -12.42 -42.81
C GLY C 65 31.84 -12.89 -43.65
N THR C 66 31.32 -14.05 -43.28
CA THR C 66 30.23 -14.68 -43.97
C THR C 66 28.94 -13.87 -43.79
N VAL C 67 28.95 -12.95 -42.83
CA VAL C 67 27.87 -11.99 -42.65
C VAL C 67 27.52 -11.24 -43.95
N GLU C 68 28.52 -10.81 -44.71
CA GLU C 68 28.27 -10.18 -46.02
C GLU C 68 27.27 -10.97 -46.86
N ARG C 69 27.31 -12.29 -46.74
CA ARG C 69 26.42 -13.18 -47.49
C ARG C 69 24.97 -13.11 -47.01
N LEU C 70 24.77 -13.13 -45.70
CA LEU C 70 23.45 -12.88 -45.14
C LEU C 70 22.79 -11.63 -45.76
N PHE C 71 23.54 -10.55 -45.92
CA PHE C 71 22.92 -9.34 -46.43
C PHE C 71 22.55 -9.45 -47.90
N LYS C 72 23.50 -9.85 -48.74
CA LYS C 72 23.19 -10.19 -50.14
C LYS C 72 21.88 -10.98 -50.24
N ASN C 73 21.83 -12.09 -49.51
CA ASN C 73 20.67 -12.93 -49.56
C ASN C 73 19.42 -12.12 -49.28
N LEU C 74 19.43 -11.38 -48.19
CA LEU C 74 18.32 -10.51 -47.89
C LEU C 74 18.05 -9.52 -49.03
N SER C 75 19.06 -9.14 -49.78
CA SER C 75 18.75 -8.22 -50.83
C SER C 75 18.06 -8.92 -52.02
N LEU C 76 18.45 -10.15 -52.35
CA LEU C 76 17.69 -10.91 -53.34
C LEU C 76 16.22 -11.10 -52.89
N ILE C 77 15.98 -11.68 -51.73
CA ILE C 77 14.61 -11.68 -51.21
C ILE C 77 13.91 -10.30 -51.41
N LYS C 78 14.64 -9.22 -51.15
CA LYS C 78 14.08 -7.92 -51.40
C LYS C 78 13.64 -7.81 -52.86
N LYS C 79 14.48 -8.26 -53.79
CA LYS C 79 14.18 -8.16 -55.20
C LYS C 79 12.92 -8.95 -55.52
N TYR C 80 12.86 -10.19 -55.06
CA TYR C 80 11.68 -11.01 -55.30
C TYR C 80 10.43 -10.26 -54.87
N ILE C 81 10.39 -9.83 -53.62
CA ILE C 81 9.25 -9.10 -53.11
C ILE C 81 8.89 -7.87 -53.93
N ASP C 82 9.88 -7.05 -54.30
CA ASP C 82 9.63 -5.92 -55.22
C ASP C 82 8.94 -6.32 -56.48
N GLY C 83 9.21 -7.53 -56.96
CA GLY C 83 8.69 -8.00 -58.23
C GLY C 83 7.27 -8.49 -58.05
N GLN C 84 7.00 -9.05 -56.90
CA GLN C 84 5.71 -9.56 -56.65
C GLN C 84 4.83 -8.32 -56.62
N LYS C 85 5.36 -7.28 -56.00
CA LYS C 85 4.61 -6.07 -55.80
C LYS C 85 4.24 -5.40 -57.12
N LYS C 86 5.15 -5.44 -58.11
CA LYS C 86 4.88 -4.85 -59.42
C LYS C 86 3.86 -5.66 -60.21
N LYS C 87 3.77 -6.94 -59.89
CA LYS C 87 2.76 -7.83 -60.46
C LYS C 87 1.32 -7.51 -60.02
N CYS C 88 1.16 -6.75 -58.93
CA CYS C 88 -0.17 -6.37 -58.46
C CYS C 88 -0.86 -5.45 -59.46
N GLY C 89 -0.12 -4.53 -60.04
CA GLY C 89 -0.75 -3.51 -60.88
C GLY C 89 -0.38 -3.64 -62.33
N GLU C 90 0.05 -4.84 -62.73
CA GLU C 90 0.66 -5.05 -64.03
C GLU C 90 -0.37 -5.20 -65.11
N GLU C 91 -1.39 -5.99 -64.82
CA GLU C 91 -2.23 -6.56 -65.87
C GLU C 91 -3.67 -6.10 -65.75
N ARG C 92 -4.05 -5.12 -66.54
CA ARG C 92 -5.41 -4.57 -66.51
C ARG C 92 -6.43 -5.59 -66.97
N ARG C 93 -7.64 -5.53 -66.42
CA ARG C 93 -8.60 -6.58 -66.66
C ARG C 93 -10.05 -6.06 -66.54
N ARG C 94 -11.01 -6.86 -67.02
CA ARG C 94 -12.42 -6.48 -66.97
C ARG C 94 -12.98 -6.49 -65.53
N VAL C 95 -13.96 -5.63 -65.27
CA VAL C 95 -14.45 -5.41 -63.91
C VAL C 95 -14.90 -6.67 -63.17
N ASN C 96 -15.63 -7.54 -63.87
CA ASN C 96 -16.12 -8.72 -63.20
C ASN C 96 -14.96 -9.48 -62.61
N GLN C 97 -13.80 -9.37 -63.26
CA GLN C 97 -12.57 -10.00 -62.79
C GLN C 97 -12.14 -9.39 -61.48
N PHE C 98 -12.07 -8.07 -61.44
CA PHE C 98 -11.59 -7.37 -60.26
C PHE C 98 -12.47 -7.61 -59.05
N LEU C 99 -13.77 -7.85 -59.29
CA LEU C 99 -14.71 -8.06 -58.19
C LEU C 99 -14.45 -9.37 -57.50
N ASP C 100 -14.18 -10.40 -58.30
CA ASP C 100 -13.85 -11.70 -57.78
C ASP C 100 -12.65 -11.58 -56.88
N TYR C 101 -11.65 -10.81 -57.32
CA TYR C 101 -10.47 -10.65 -56.51
C TYR C 101 -10.92 -10.05 -55.21
N LEU C 102 -11.65 -8.96 -55.29
CA LEU C 102 -12.05 -8.24 -54.08
C LEU C 102 -12.71 -9.17 -53.08
N GLN C 103 -13.58 -10.05 -53.54
CA GLN C 103 -14.28 -10.89 -52.60
C GLN C 103 -13.35 -11.98 -52.03
N GLU C 104 -12.46 -12.49 -52.85
CA GLU C 104 -11.37 -13.31 -52.35
C GLU C 104 -10.63 -12.55 -51.25
N PHE C 105 -10.17 -11.35 -51.56
CA PHE C 105 -9.45 -10.55 -50.57
C PHE C 105 -10.25 -10.33 -49.30
N LEU C 106 -11.57 -10.22 -49.40
CA LEU C 106 -12.36 -9.95 -48.21
C LEU C 106 -12.60 -11.22 -47.37
N GLY C 107 -12.86 -12.35 -48.03
CA GLY C 107 -12.98 -13.62 -47.29
C GLY C 107 -11.72 -13.84 -46.44
N VAL C 108 -10.58 -13.64 -47.06
CA VAL C 108 -9.33 -13.94 -46.43
C VAL C 108 -9.11 -13.00 -45.25
N MET C 109 -9.35 -11.71 -45.47
CA MET C 109 -9.21 -10.68 -44.43
C MET C 109 -10.06 -11.04 -43.23
N ASN C 110 -10.92 -12.06 -43.40
CA ASN C 110 -11.97 -12.36 -42.45
C ASN C 110 -11.75 -13.63 -41.68
N THR C 111 -11.11 -14.60 -42.31
CA THR C 111 -10.97 -15.93 -41.69
C THR C 111 -9.63 -16.13 -41.01
N GLU C 112 -8.68 -15.25 -41.34
CA GLU C 112 -7.30 -15.48 -40.98
C GLU C 112 -6.44 -14.22 -40.90
N TRP C 113 -6.98 -13.16 -40.33
CA TRP C 113 -6.19 -12.04 -39.86
C TRP C 113 -6.64 -11.87 -38.43
N ILE C 114 -5.74 -11.46 -37.55
CA ILE C 114 -6.21 -11.08 -36.21
C ILE C 114 -6.82 -9.70 -36.39
N ILE C 115 -7.74 -9.32 -35.53
CA ILE C 115 -8.42 -8.06 -35.72
C ILE C 115 -8.61 -7.35 -34.37
N GLU C 116 -7.80 -6.30 -34.15
CA GLU C 116 -7.67 -5.63 -32.82
C GLU C 116 -9.00 -5.24 -32.09
N ILE D 10 -12.23 5.58 -6.08
CA ILE D 10 -11.47 4.91 -4.97
C ILE D 10 -12.36 4.00 -4.14
N SER D 11 -12.06 2.70 -4.12
CA SER D 11 -12.55 1.89 -2.99
C SER D 11 -11.51 1.90 -1.87
N LEU D 12 -11.95 2.27 -0.66
CA LEU D 12 -11.06 2.31 0.49
C LEU D 12 -11.05 0.98 1.21
N LEU D 13 -9.87 0.41 1.39
CA LEU D 13 -9.80 -0.89 2.07
C LEU D 13 -9.52 -0.75 3.54
N PRO D 14 -9.83 -1.79 4.31
CA PRO D 14 -9.59 -1.74 5.74
C PRO D 14 -8.08 -1.76 5.96
N PRO D 15 -7.65 -1.33 7.14
CA PRO D 15 -6.27 -1.48 7.56
C PRO D 15 -6.01 -2.93 7.78
N VAL D 16 -4.75 -3.32 7.80
CA VAL D 16 -4.40 -4.73 7.93
C VAL D 16 -3.40 -4.89 9.07
N ASN D 17 -3.21 -6.12 9.57
CA ASN D 17 -2.35 -6.40 10.75
C ASN D 17 -2.75 -5.58 11.96
N PHE D 18 -4.01 -5.63 12.32
CA PHE D 18 -4.46 -4.84 13.48
C PHE D 18 -4.24 -5.65 14.74
N THR D 19 -3.40 -5.15 15.64
CA THR D 19 -3.08 -5.83 16.88
C THR D 19 -3.21 -4.96 18.10
N ILE D 20 -3.18 -5.63 19.24
CA ILE D 20 -3.33 -5.06 20.54
C ILE D 20 -2.26 -5.71 21.44
N LYS D 21 -1.43 -4.90 22.09
CA LYS D 21 -0.46 -5.41 23.04
C LYS D 21 -0.69 -4.82 24.42
N VAL D 22 -0.58 -5.62 25.47
CA VAL D 22 -0.47 -5.06 26.78
C VAL D 22 0.94 -4.47 26.90
N THR D 23 1.07 -3.28 27.49
CA THR D 23 2.38 -2.65 27.64
C THR D 23 2.58 -2.19 29.07
N GLY D 24 1.57 -2.35 29.89
CA GLY D 24 1.74 -2.08 31.27
C GLY D 24 0.45 -2.27 32.00
N LEU D 25 0.54 -2.26 33.33
CA LEU D 25 -0.64 -2.18 34.14
C LEU D 25 -1.70 -1.30 33.50
N ALA D 26 -2.82 -1.90 33.16
CA ALA D 26 -3.95 -1.14 32.61
C ALA D 26 -3.61 -0.26 31.42
N GLN D 27 -2.73 -0.72 30.53
CA GLN D 27 -2.56 -0.01 29.24
C GLN D 27 -2.20 -0.89 28.05
N VAL D 28 -2.79 -0.59 26.90
CA VAL D 28 -2.51 -1.40 25.72
C VAL D 28 -1.98 -0.49 24.62
N LEU D 29 -1.42 -1.11 23.57
CA LEU D 29 -1.05 -0.39 22.35
C LEU D 29 -1.82 -0.93 21.14
N LEU D 30 -2.61 -0.08 20.48
CA LEU D 30 -3.24 -0.55 19.28
C LEU D 30 -2.27 -0.25 18.17
N GLN D 31 -2.04 -1.24 17.31
CA GLN D 31 -1.17 -1.07 16.15
C GLN D 31 -1.81 -1.57 14.85
N TRP D 32 -1.55 -0.92 13.72
CA TRP D 32 -2.03 -1.45 12.42
C TRP D 32 -1.17 -0.97 11.28
N LYS D 33 -1.50 -1.38 10.06
CA LYS D 33 -0.73 -0.96 8.88
C LYS D 33 -1.59 -0.51 7.71
N PRO D 34 -1.05 0.38 6.90
CA PRO D 34 -1.78 0.79 5.67
C PRO D 34 -1.99 -0.42 4.74
N ASN D 35 -3.17 -0.57 4.17
CA ASN D 35 -3.44 -1.74 3.34
C ASN D 35 -2.50 -1.78 2.12
N PRO D 36 -1.99 -2.97 1.72
CA PRO D 36 -1.08 -3.04 0.57
C PRO D 36 -1.79 -3.06 -0.78
N ASP D 37 -2.92 -3.78 -0.88
CA ASP D 37 -3.70 -3.80 -2.13
C ASP D 37 -4.47 -2.50 -2.27
N GLN D 38 -4.09 -1.49 -1.49
CA GLN D 38 -4.79 -0.21 -1.52
C GLN D 38 -4.37 0.59 -2.72
N GLU D 39 -5.25 0.68 -3.71
CA GLU D 39 -5.02 1.54 -4.86
C GLU D 39 -4.98 3.00 -4.43
N GLN D 40 -3.89 3.36 -3.75
CA GLN D 40 -3.71 4.71 -3.25
C GLN D 40 -3.33 5.69 -4.36
N ARG D 41 -4.00 6.83 -4.39
CA ARG D 41 -3.63 7.90 -5.30
C ARG D 41 -3.00 9.02 -4.48
N ASN D 42 -2.64 8.68 -3.25
CA ASN D 42 -1.94 9.59 -2.32
C ASN D 42 -2.67 10.87 -1.88
N VAL D 43 -3.73 10.67 -1.10
CA VAL D 43 -4.27 11.71 -0.26
C VAL D 43 -4.00 11.27 1.18
N ASN D 44 -4.23 12.17 2.12
CA ASN D 44 -4.00 11.83 3.51
C ASN D 44 -5.09 10.93 4.07
N LEU D 45 -4.77 9.66 4.24
CA LEU D 45 -5.67 8.74 4.90
C LEU D 45 -5.67 9.09 6.37
N GLU D 46 -6.70 8.67 7.11
CA GLU D 46 -6.69 8.83 8.56
C GLU D 46 -7.35 7.61 9.05
N TYR D 47 -7.56 7.51 10.34
CA TYR D 47 -8.20 6.35 10.82
C TYR D 47 -9.20 6.72 11.85
N GLN D 48 -10.26 5.91 11.98
CA GLN D 48 -11.17 6.07 13.08
C GLN D 48 -11.04 4.84 13.90
N VAL D 49 -10.98 5.00 15.21
CA VAL D 49 -10.78 3.88 16.11
C VAL D 49 -11.92 3.87 17.04
N LYS D 50 -12.43 2.71 17.35
CA LYS D 50 -13.59 2.59 18.18
C LYS D 50 -13.21 1.60 19.23
N ILE D 51 -13.42 1.93 20.50
CA ILE D 51 -13.27 0.96 21.55
C ILE D 51 -14.66 0.41 21.88
N ASN D 52 -14.80 -0.92 21.84
CA ASN D 52 -16.08 -1.56 21.96
C ASN D 52 -16.37 -1.96 23.39
N ALA D 53 -15.32 -2.25 24.16
CA ALA D 53 -15.52 -2.70 25.55
C ALA D 53 -14.21 -2.71 26.30
N PRO D 54 -14.24 -2.59 27.63
CA PRO D 54 -15.45 -2.47 28.47
C PRO D 54 -15.96 -1.06 28.59
N LYS D 55 -15.19 -0.08 28.12
CA LYS D 55 -15.63 1.33 28.19
C LYS D 55 -15.68 1.84 26.79
N GLU D 56 -16.88 1.97 26.22
CA GLU D 56 -17.00 2.35 24.80
C GLU D 56 -16.36 3.71 24.52
N ASP D 57 -15.87 3.90 23.31
CA ASP D 57 -15.20 5.14 22.98
C ASP D 57 -14.95 5.22 21.46
N ASP D 58 -15.03 6.39 20.88
CA ASP D 58 -14.75 6.45 19.47
C ASP D 58 -13.97 7.74 19.19
N TYR D 59 -12.87 7.61 18.44
CA TYR D 59 -12.03 8.75 18.11
C TYR D 59 -11.28 8.54 16.81
N GLU D 60 -10.63 9.60 16.35
CA GLU D 60 -9.87 9.51 15.11
C GLU D 60 -8.37 9.93 15.20
N THR D 61 -7.51 9.24 14.49
CA THR D 61 -6.09 9.57 14.53
C THR D 61 -5.49 9.72 13.15
N ARG D 62 -4.43 10.52 13.06
CA ARG D 62 -3.72 10.76 11.81
C ARG D 62 -2.59 9.75 11.54
N ILE D 63 -2.52 8.72 12.34
CA ILE D 63 -1.27 8.03 12.55
C ILE D 63 -1.62 6.57 12.79
N THR D 64 -0.68 5.64 12.71
CA THR D 64 -1.11 4.22 12.65
C THR D 64 -0.95 3.36 13.90
N GLU D 65 -0.89 3.99 15.06
CA GLU D 65 -1.00 3.27 16.31
C GLU D 65 -1.67 4.19 17.29
N SER D 66 -2.11 3.65 18.41
CA SER D 66 -2.80 4.45 19.39
C SER D 66 -2.73 3.84 20.77
N LYS D 67 -2.31 4.65 21.75
CA LYS D 67 -2.27 4.24 23.14
C LYS D 67 -3.69 4.23 23.71
N ALA D 68 -3.96 3.33 24.65
CA ALA D 68 -5.24 3.36 25.36
C ALA D 68 -5.04 2.88 26.79
N VAL D 69 -5.39 3.74 27.74
CA VAL D 69 -5.28 3.38 29.16
C VAL D 69 -6.60 2.77 29.56
N THR D 70 -6.60 1.56 30.09
CA THR D 70 -7.84 0.83 30.22
C THR D 70 -7.76 -0.28 31.23
N ILE D 71 -8.81 -0.42 32.00
CA ILE D 71 -9.02 -1.60 32.81
C ILE D 71 -8.91 -2.90 31.93
N LEU D 72 -8.24 -3.92 32.43
CA LEU D 72 -8.02 -5.17 31.63
C LEU D 72 -8.78 -6.43 32.06
N HIS D 73 -9.06 -6.58 33.35
CA HIS D 73 -9.60 -7.84 33.85
C HIS D 73 -10.92 -8.31 33.19
N MET D 74 -11.65 -7.42 32.55
CA MET D 74 -12.86 -7.77 31.86
C MET D 74 -12.61 -8.02 30.34
N GLY D 75 -11.37 -8.26 29.93
CA GLY D 75 -11.07 -8.28 28.51
C GLY D 75 -11.19 -6.91 27.84
N PHE D 76 -10.82 -6.84 26.57
CA PHE D 76 -10.78 -5.57 25.87
C PHE D 76 -11.11 -5.81 24.40
N SER D 77 -11.78 -4.85 23.76
CA SER D 77 -12.22 -5.06 22.37
C SER D 77 -12.32 -3.77 21.57
N ALA D 78 -11.90 -3.77 20.30
CA ALA D 78 -11.76 -2.52 19.51
C ALA D 78 -11.72 -2.77 18.04
N SER D 79 -11.98 -1.71 17.26
CA SER D 79 -11.96 -1.77 15.83
C SER D 79 -11.36 -0.50 15.28
N VAL D 80 -11.10 -0.50 13.96
CA VAL D 80 -10.49 0.64 13.30
C VAL D 80 -10.75 0.54 11.81
N ARG D 81 -10.93 1.67 11.15
CA ARG D 81 -11.13 1.68 9.72
C ARG D 81 -10.47 2.89 9.10
N THR D 82 -10.21 2.86 7.81
CA THR D 82 -9.57 3.97 7.20
C THR D 82 -10.63 5.00 6.70
N ILE D 83 -10.33 6.28 6.88
CA ILE D 83 -11.20 7.35 6.42
C ILE D 83 -10.49 8.27 5.46
N LEU D 84 -11.20 8.73 4.45
CA LEU D 84 -10.68 9.69 3.48
C LEU D 84 -11.69 10.78 3.41
N GLN D 85 -11.24 12.03 3.44
CA GLN D 85 -12.14 13.12 3.67
C GLN D 85 -11.74 14.41 2.95
N ASN D 86 -12.08 14.52 1.67
CA ASN D 86 -11.77 15.77 0.96
C ASN D 86 -12.91 16.76 1.09
N ASP D 87 -13.23 17.40 -0.03
CA ASP D 87 -14.19 18.51 -0.04
C ASP D 87 -15.61 18.18 -0.47
N HIS D 88 -15.74 17.32 -1.46
CA HIS D 88 -17.06 16.91 -1.86
C HIS D 88 -17.53 15.58 -1.23
N SER D 89 -16.73 15.00 -0.30
CA SER D 89 -17.03 13.62 0.17
C SER D 89 -16.35 13.14 1.43
N LEU D 90 -16.93 12.12 2.05
CA LEU D 90 -16.27 11.33 3.11
C LEU D 90 -16.38 9.83 2.77
N LEU D 91 -15.27 9.10 2.81
CA LEU D 91 -15.29 7.64 2.58
C LEU D 91 -14.79 6.93 3.80
N ALA D 92 -15.45 5.86 4.21
CA ALA D 92 -14.91 5.10 5.31
C ALA D 92 -14.98 3.62 5.00
N SER D 93 -13.87 2.92 5.21
CA SER D 93 -13.75 1.51 4.84
C SER D 93 -14.50 0.70 5.82
N SER D 94 -14.61 -0.59 5.53
CA SER D 94 -15.14 -1.51 6.51
C SER D 94 -14.13 -1.64 7.66
N TRP D 95 -14.54 -2.34 8.71
CA TRP D 95 -13.78 -2.29 9.93
C TRP D 95 -12.87 -3.51 10.10
N ALA D 96 -11.64 -3.28 10.55
CA ALA D 96 -10.77 -4.32 11.14
C ALA D 96 -10.94 -4.36 12.65
N SER D 97 -10.94 -5.59 13.19
CA SER D 97 -11.27 -5.84 14.59
C SER D 97 -10.21 -6.68 15.33
N ALA D 98 -10.01 -6.39 16.61
CA ALA D 98 -9.14 -7.18 17.44
C ALA D 98 -9.67 -7.27 18.88
N GLU D 99 -9.16 -8.22 19.65
CA GLU D 99 -9.67 -8.53 20.98
C GLU D 99 -8.60 -9.03 21.95
N LEU D 100 -8.79 -8.75 23.23
CA LEU D 100 -8.12 -9.45 24.28
C LEU D 100 -9.19 -10.18 25.06
N HIS D 101 -8.99 -11.45 25.34
CA HIS D 101 -10.02 -12.13 26.08
C HIS D 101 -9.91 -11.88 27.54
N ALA D 102 -11.04 -12.03 28.21
CA ALA D 102 -11.08 -11.90 29.64
C ALA D 102 -10.25 -13.03 30.23
N PRO D 103 -9.31 -12.68 31.13
CA PRO D 103 -8.44 -13.64 31.80
C PRO D 103 -9.22 -14.75 32.46
N PRO D 104 -8.64 -15.96 32.48
CA PRO D 104 -9.21 -17.18 33.10
C PRO D 104 -9.45 -17.05 34.60
N GLY D 105 -10.35 -17.86 35.15
CA GLY D 105 -10.67 -17.84 36.58
C GLY D 105 -12.15 -17.59 36.90
N SER D 106 -12.72 -18.42 37.78
CA SER D 106 -14.10 -18.25 38.27
C SER D 106 -14.33 -16.86 38.87
N PRO D 107 -15.55 -16.31 38.71
CA PRO D 107 -15.77 -14.90 39.05
C PRO D 107 -15.79 -14.65 40.56
N GLY D 108 -15.97 -15.71 41.36
CA GLY D 108 -15.97 -15.58 42.82
C GLY D 108 -14.59 -15.65 43.48
N THR D 109 -13.54 -15.71 42.67
CA THR D 109 -12.17 -15.79 43.18
C THR D 109 -11.58 -14.38 43.26
N SER D 110 -12.22 -13.46 42.54
CA SER D 110 -11.73 -12.11 42.45
C SER D 110 -11.76 -11.49 43.83
N ILE D 111 -10.78 -10.65 44.12
CA ILE D 111 -10.81 -9.90 45.37
C ILE D 111 -11.96 -8.91 45.30
N VAL D 112 -12.40 -8.44 46.46
CA VAL D 112 -13.61 -7.64 46.54
C VAL D 112 -13.46 -6.35 47.36
N ASN D 113 -14.09 -5.28 46.90
CA ASN D 113 -14.07 -4.03 47.65
C ASN D 113 -12.68 -3.44 47.77
N LEU D 114 -11.90 -3.48 46.69
CA LEU D 114 -10.61 -2.82 46.68
C LEU D 114 -10.83 -1.34 47.05
N THR D 115 -10.06 -0.81 47.99
CA THR D 115 -10.06 0.64 48.27
C THR D 115 -8.61 1.07 48.48
N CYS D 116 -8.21 2.20 47.90
CA CYS D 116 -6.84 2.70 48.03
C CYS D 116 -6.84 4.14 48.44
N THR D 117 -5.88 4.50 49.29
CA THR D 117 -5.71 5.87 49.76
C THR D 117 -4.27 6.35 49.51
N THR D 118 -4.09 7.61 49.13
CA THR D 118 -2.74 8.18 49.13
C THR D 118 -2.61 9.29 50.17
N ASN D 119 -1.38 9.59 50.59
CA ASN D 119 -1.17 10.56 51.63
C ASN D 119 0.18 11.25 51.55
N THR D 120 0.20 12.55 51.77
CA THR D 120 1.39 13.31 51.55
C THR D 120 2.16 13.50 52.88
N THR D 121 3.50 13.51 52.81
CA THR D 121 4.33 13.79 53.99
C THR D 121 5.52 14.64 53.59
N GLU D 122 5.96 15.48 54.52
CA GLU D 122 7.13 16.31 54.32
C GLU D 122 8.31 15.40 54.57
N ASP D 123 9.28 15.41 53.66
CA ASP D 123 10.32 14.38 53.68
C ASP D 123 11.76 14.87 53.79
N ASN D 124 12.50 14.27 54.74
CA ASN D 124 13.94 14.54 54.90
C ASN D 124 14.85 13.30 54.69
N TYR D 125 14.25 12.16 54.28
CA TYR D 125 15.03 10.94 53.97
C TYR D 125 15.31 10.79 52.45
N SER D 126 15.71 11.90 51.86
CA SER D 126 15.87 12.05 50.42
C SER D 126 16.00 13.54 50.18
N ARG D 127 16.71 13.94 49.14
CA ARG D 127 16.82 15.37 48.82
C ARG D 127 16.56 15.70 47.37
N LEU D 128 16.08 14.71 46.62
CA LEU D 128 15.65 14.97 45.24
C LEU D 128 14.13 15.23 45.13
N ARG D 129 13.39 14.99 46.23
CA ARG D 129 11.98 15.43 46.35
C ARG D 129 11.64 15.96 47.76
N SER D 130 10.89 17.05 47.83
CA SER D 130 10.42 17.61 49.11
C SER D 130 9.34 16.73 49.79
N TYR D 131 8.40 16.21 49.01
CA TYR D 131 7.21 15.53 49.57
C TYR D 131 7.11 14.08 49.12
N GLN D 132 6.44 13.27 49.95
CA GLN D 132 6.34 11.85 49.68
C GLN D 132 4.90 11.45 49.69
N VAL D 133 4.51 10.67 48.71
CA VAL D 133 3.20 10.11 48.68
C VAL D 133 3.28 8.63 49.09
N SER D 134 2.51 8.23 50.09
CA SER D 134 2.41 6.82 50.46
C SER D 134 1.10 6.25 49.90
N LEU D 135 0.94 4.94 49.94
CA LEU D 135 -0.25 4.29 49.36
C LEU D 135 -0.63 3.06 50.14
N HIS D 136 -1.92 2.95 50.42
CA HIS D 136 -2.39 1.88 51.29
C HIS D 136 -3.71 1.38 50.67
N CYS D 137 -3.75 0.10 50.32
CA CYS D 137 -4.97 -0.47 49.76
C CYS D 137 -5.50 -1.61 50.61
N THR D 138 -6.81 -1.72 50.74
CA THR D 138 -7.40 -2.91 51.34
C THR D 138 -8.42 -3.58 50.43
N TRP D 139 -8.84 -4.79 50.82
CA TRP D 139 -9.83 -5.59 50.07
C TRP D 139 -10.15 -6.86 50.84
N MET D 140 -11.13 -7.63 50.38
CA MET D 140 -11.33 -8.94 50.94
C MET D 140 -11.27 -10.04 49.89
N VAL D 141 -11.34 -11.28 50.33
CA VAL D 141 -10.87 -12.40 49.53
C VAL D 141 -11.86 -12.97 48.53
N GLY D 142 -13.14 -12.78 48.75
CA GLY D 142 -14.09 -13.30 47.77
C GLY D 142 -14.39 -14.77 47.96
N THR D 143 -15.64 -15.13 47.75
CA THR D 143 -16.18 -16.32 48.37
C THR D 143 -15.93 -17.64 47.64
N ASP D 144 -15.13 -17.62 46.58
CA ASP D 144 -14.81 -18.86 45.87
C ASP D 144 -13.35 -19.21 45.94
N ALA D 145 -12.58 -18.42 46.66
CA ALA D 145 -11.14 -18.59 46.65
C ALA D 145 -10.71 -19.84 47.42
N PRO D 146 -10.16 -20.84 46.70
CA PRO D 146 -9.55 -21.99 47.35
C PRO D 146 -8.87 -21.56 48.64
N GLU D 147 -8.78 -22.45 49.62
CA GLU D 147 -8.22 -22.05 50.89
C GLU D 147 -6.71 -21.84 50.84
N ASP D 148 -6.13 -22.12 49.68
CA ASP D 148 -4.70 -21.88 49.49
C ASP D 148 -4.41 -20.65 48.62
N THR D 149 -5.46 -19.94 48.22
CA THR D 149 -5.29 -18.78 47.35
C THR D 149 -4.25 -17.85 47.94
N GLN D 150 -3.72 -16.92 47.13
CA GLN D 150 -2.79 -15.88 47.59
C GLN D 150 -2.74 -14.68 46.61
N TYR D 151 -2.98 -13.48 47.11
CA TYR D 151 -3.08 -12.32 46.25
C TYR D 151 -1.80 -11.46 46.23
N PHE D 152 -1.59 -10.73 45.14
CA PHE D 152 -0.45 -9.82 45.00
C PHE D 152 -0.89 -8.49 44.32
N LEU D 153 -0.24 -7.39 44.72
CA LEU D 153 -0.68 -6.02 44.38
C LEU D 153 0.40 -5.27 43.58
N TYR D 154 -0.01 -4.54 42.55
CA TYR D 154 0.91 -3.72 41.81
C TYR D 154 0.29 -2.35 41.54
N TYR D 155 1.11 -1.31 41.50
CA TYR D 155 0.61 -0.05 41.03
C TYR D 155 1.53 0.48 39.97
N ARG D 156 0.94 1.24 39.05
CA ARG D 156 1.70 1.98 38.08
C ARG D 156 1.26 3.41 38.19
N TYR D 157 2.24 4.33 38.21
CA TYR D 157 1.96 5.75 38.03
C TYR D 157 2.88 6.31 36.95
N GLY D 158 2.29 6.74 35.86
CA GLY D 158 3.07 7.14 34.68
C GLY D 158 3.86 5.96 34.16
N SER D 159 5.18 6.04 34.18
CA SER D 159 5.95 4.87 33.73
C SER D 159 6.47 4.03 34.89
N TRP D 160 6.35 4.52 36.10
CA TRP D 160 6.90 3.75 37.18
C TRP D 160 5.86 2.77 37.74
N THR D 161 6.21 1.50 37.74
CA THR D 161 5.30 0.51 38.28
C THR D 161 6.07 -0.32 39.29
N GLU D 162 5.37 -0.89 40.26
CA GLU D 162 6.03 -1.71 41.27
C GLU D 162 5.12 -2.57 42.17
N GLU D 163 5.73 -3.36 43.05
CA GLU D 163 5.06 -4.45 43.75
C GLU D 163 5.15 -4.35 45.28
N CYS D 164 4.08 -4.74 45.93
CA CYS D 164 3.95 -4.61 47.36
C CYS D 164 4.81 -5.61 48.12
N GLN D 165 5.36 -5.16 49.25
CA GLN D 165 6.18 -6.01 50.08
C GLN D 165 5.53 -6.21 51.43
N GLU D 166 4.84 -5.18 51.90
CA GLU D 166 4.26 -5.23 53.21
C GLU D 166 2.75 -5.42 53.10
N TYR D 167 2.31 -6.63 53.44
CA TYR D 167 0.91 -7.02 53.35
C TYR D 167 0.39 -7.31 54.73
N SER D 168 -0.87 -7.00 54.99
CA SER D 168 -1.53 -7.59 56.14
C SER D 168 -2.34 -8.77 55.64
N MET D 169 -2.56 -9.74 56.52
CA MET D 169 -3.04 -11.04 56.11
C MET D 169 -4.26 -11.45 56.93
N ASP D 170 -5.05 -12.43 56.39
CA ASP D 170 -6.27 -12.81 57.13
C ASP D 170 -5.98 -14.00 58.02
N THR D 171 -6.89 -14.26 58.96
CA THR D 171 -6.64 -15.25 60.05
C THR D 171 -6.31 -16.70 59.53
N LEU D 172 -6.03 -16.80 58.20
CA LEU D 172 -5.79 -18.12 57.55
C LEU D 172 -4.61 -17.99 56.53
N GLY D 173 -3.96 -16.56 56.57
CA GLY D 173 -2.70 -16.51 55.75
C GLY D 173 -2.80 -15.54 54.59
N ARG D 174 -3.92 -15.62 53.84
CA ARG D 174 -4.12 -14.75 52.65
C ARG D 174 -3.82 -13.23 52.84
N ASN D 175 -3.61 -12.53 51.72
CA ASN D 175 -3.28 -11.09 51.81
C ASN D 175 -4.50 -10.16 51.80
N ILE D 176 -4.59 -9.25 52.76
CA ILE D 176 -5.82 -8.47 52.85
C ILE D 176 -5.63 -6.99 52.58
N ALA D 177 -4.39 -6.52 52.61
CA ALA D 177 -4.10 -5.12 52.32
C ALA D 177 -2.64 -4.86 52.15
N CYS D 178 -2.31 -3.70 51.60
CA CYS D 178 -0.95 -3.41 51.19
C CYS D 178 -0.46 -2.10 51.81
N TRP D 179 0.86 -1.97 51.96
CA TRP D 179 1.43 -0.70 52.39
C TRP D 179 2.70 -0.32 51.65
N PHE D 180 2.77 0.94 51.25
CA PHE D 180 3.91 1.47 50.56
C PHE D 180 4.27 2.76 51.24
N PRO D 181 5.33 2.77 52.05
CA PRO D 181 5.74 4.02 52.70
C PRO D 181 6.04 5.13 51.70
N ARG D 182 6.50 4.76 50.50
CA ARG D 182 7.06 5.71 49.54
C ARG D 182 6.68 5.26 48.19
N THR D 183 6.50 6.19 47.26
CA THR D 183 6.13 5.81 45.90
C THR D 183 6.64 6.74 44.83
N PHE D 184 6.39 6.36 43.58
CA PHE D 184 6.73 7.20 42.44
C PHE D 184 5.62 8.20 42.12
N ILE D 185 4.49 8.09 42.83
CA ILE D 185 3.33 8.93 42.57
C ILE D 185 3.65 10.38 42.87
N LEU D 186 3.43 11.26 41.89
CA LEU D 186 3.64 12.68 42.09
C LEU D 186 2.42 13.28 42.83
N SER D 187 2.67 14.03 43.90
CA SER D 187 1.60 14.67 44.68
C SER D 187 0.69 15.55 43.82
N LYS D 188 1.25 16.59 43.22
CA LYS D 188 0.47 17.45 42.30
C LYS D 188 0.04 16.73 41.01
N GLY D 189 0.00 15.40 41.06
CA GLY D 189 -0.14 14.61 39.85
C GLY D 189 -1.52 14.72 39.23
N ARG D 190 -1.64 14.45 37.94
CA ARG D 190 -2.95 14.50 37.33
C ARG D 190 -3.18 13.38 36.32
N ASP D 191 -2.61 12.22 36.61
CA ASP D 191 -2.79 11.05 35.79
C ASP D 191 -3.35 9.93 36.58
N TRP D 192 -3.98 9.00 35.89
CA TRP D 192 -4.54 7.85 36.50
C TRP D 192 -3.49 7.12 37.34
N LEU D 193 -3.90 6.54 38.46
CA LEU D 193 -3.07 5.59 39.20
C LEU D 193 -3.70 4.19 39.02
N ALA D 194 -2.94 3.26 38.47
CA ALA D 194 -3.51 1.98 38.13
C ALA D 194 -3.13 0.93 39.17
N VAL D 195 -4.09 0.09 39.54
CA VAL D 195 -3.84 -0.93 40.53
C VAL D 195 -4.30 -2.30 40.01
N LEU D 196 -3.46 -3.28 40.25
CA LEU D 196 -3.66 -4.59 39.71
C LEU D 196 -3.48 -5.58 40.85
N VAL D 197 -4.50 -6.38 41.10
CA VAL D 197 -4.37 -7.46 42.11
C VAL D 197 -4.50 -8.83 41.44
N ASN D 198 -3.63 -9.76 41.83
CA ASN D 198 -3.52 -11.07 41.19
C ASN D 198 -3.62 -12.14 42.20
N GLY D 199 -3.75 -13.38 41.74
CA GLY D 199 -3.91 -14.49 42.64
C GLY D 199 -3.54 -15.78 41.96
N SER D 200 -2.72 -16.58 42.65
CA SER D 200 -2.30 -17.89 42.21
C SER D 200 -2.85 -18.96 43.14
N SER D 201 -3.04 -20.16 42.60
CA SER D 201 -3.56 -21.28 43.36
C SER D 201 -3.04 -22.58 42.75
N LYS D 202 -2.93 -23.61 43.57
CA LYS D 202 -2.51 -24.90 43.08
C LYS D 202 -3.71 -25.60 42.46
N HIS D 203 -4.90 -25.05 42.71
CA HIS D 203 -6.13 -25.72 42.31
C HIS D 203 -7.07 -24.93 41.41
N SER D 204 -6.65 -23.76 40.95
CA SER D 204 -7.53 -22.92 40.13
C SER D 204 -6.88 -21.68 39.57
N ALA D 205 -7.59 -21.05 38.65
CA ALA D 205 -7.23 -19.71 38.23
C ALA D 205 -7.99 -18.77 39.12
N ILE D 206 -7.47 -17.56 39.22
CA ILE D 206 -8.13 -16.52 39.95
C ILE D 206 -8.23 -15.26 39.08
N ARG D 207 -9.44 -14.99 38.59
CA ARG D 207 -9.78 -13.76 37.89
C ARG D 207 -9.15 -12.54 38.61
N PRO D 208 -8.12 -11.95 37.99
CA PRO D 208 -7.48 -10.75 38.57
C PRO D 208 -8.47 -9.62 38.70
N PHE D 209 -8.03 -8.53 39.31
CA PHE D 209 -8.87 -7.37 39.38
C PHE D 209 -8.01 -6.13 39.36
N ASP D 210 -8.46 -5.11 38.62
CA ASP D 210 -7.67 -3.93 38.44
C ASP D 210 -8.56 -2.74 38.22
N GLN D 211 -8.02 -1.58 38.52
CA GLN D 211 -8.81 -0.43 38.69
C GLN D 211 -7.96 0.79 38.43
N LEU D 212 -8.59 1.80 37.84
CA LEU D 212 -7.96 3.08 37.60
C LEU D 212 -8.41 4.15 38.60
N PHE D 213 -7.56 4.58 39.52
CA PHE D 213 -7.95 5.65 40.45
C PHE D 213 -7.55 7.08 40.00
N ALA D 214 -8.44 8.06 40.22
CA ALA D 214 -8.10 9.48 40.05
C ALA D 214 -7.49 9.87 41.35
N LEU D 215 -6.39 10.63 41.32
CA LEU D 215 -5.81 10.90 42.60
C LEU D 215 -6.49 11.92 43.42
N HIS D 216 -7.30 12.78 42.80
CA HIS D 216 -8.03 13.70 43.61
C HIS D 216 -9.02 12.91 44.42
N ALA D 217 -9.35 11.72 43.94
CA ALA D 217 -10.43 10.99 44.57
C ALA D 217 -9.96 10.31 45.85
N ILE D 218 -8.65 10.06 45.93
CA ILE D 218 -8.12 9.19 46.97
C ILE D 218 -7.04 9.81 47.86
N ASP D 219 -6.67 11.05 47.58
CA ASP D 219 -5.72 11.85 48.39
C ASP D 219 -6.36 12.14 49.75
N GLN D 220 -5.90 11.49 50.80
CA GLN D 220 -6.40 11.82 52.13
C GLN D 220 -5.64 13.03 52.61
N ILE D 221 -6.30 14.17 52.54
CA ILE D 221 -5.68 15.42 52.85
C ILE D 221 -5.43 15.53 54.34
N ASN D 222 -4.31 16.15 54.71
CA ASN D 222 -3.91 16.27 56.11
C ASN D 222 -4.62 17.40 56.75
N PRO D 223 -4.92 17.28 58.04
CA PRO D 223 -5.62 18.36 58.75
C PRO D 223 -4.72 19.57 58.90
N PRO D 224 -5.31 20.78 58.98
CA PRO D 224 -4.63 22.02 59.29
C PRO D 224 -3.79 21.91 60.56
N LEU D 225 -2.62 22.55 60.55
CA LEU D 225 -1.70 22.53 61.67
C LEU D 225 -1.87 23.76 62.60
N ASN D 226 -1.68 23.55 63.90
CA ASN D 226 -1.48 24.66 64.84
C ASN D 226 -2.65 25.59 64.97
N VAL D 227 -3.81 25.07 65.28
CA VAL D 227 -4.92 25.98 65.30
C VAL D 227 -4.84 26.68 66.66
N THR D 228 -5.15 27.98 66.67
CA THR D 228 -5.14 28.73 67.90
C THR D 228 -6.19 29.81 67.86
N ALA D 229 -6.94 29.90 68.94
CA ALA D 229 -7.87 31.01 69.09
C ALA D 229 -7.48 31.88 70.27
N GLU D 230 -7.81 33.15 70.19
CA GLU D 230 -7.68 34.02 71.35
C GLU D 230 -8.82 35.01 71.51
N ILE D 231 -9.27 35.13 72.76
CA ILE D 231 -10.30 36.11 73.18
C ILE D 231 -9.70 37.48 73.57
N GLU D 232 -10.04 38.53 72.84
CA GLU D 232 -9.78 39.90 73.31
C GLU D 232 -11.07 40.70 73.33
N GLY D 233 -11.64 40.83 74.52
CA GLY D 233 -12.94 41.48 74.66
C GLY D 233 -14.04 40.54 74.23
N THR D 234 -14.60 40.81 73.07
CA THR D 234 -15.76 40.05 72.63
C THR D 234 -15.45 39.35 71.27
N ARG D 235 -14.40 39.85 70.62
CA ARG D 235 -13.89 39.26 69.41
C ARG D 235 -12.96 38.09 69.75
N MET D 236 -13.26 36.91 69.22
CA MET D 236 -12.34 35.78 69.23
C MET D 236 -11.64 35.66 67.87
N SER D 237 -10.31 35.61 67.87
CA SER D 237 -9.64 35.34 66.61
C SER D 237 -8.86 34.03 66.59
N ILE D 238 -9.12 33.27 65.53
CA ILE D 238 -8.62 31.93 65.28
C ILE D 238 -7.63 31.96 64.12
N GLN D 239 -6.61 31.10 64.20
CA GLN D 239 -5.56 31.01 63.18
C GLN D 239 -5.15 29.57 62.98
N TRP D 240 -4.80 29.22 61.74
CA TRP D 240 -4.31 27.87 61.45
C TRP D 240 -3.30 27.85 60.30
N GLU D 241 -2.53 26.78 60.22
CA GLU D 241 -1.54 26.65 59.19
C GLU D 241 -2.04 25.76 58.07
N LYS D 242 -1.50 26.00 56.88
CA LYS D 242 -1.77 25.21 55.69
C LYS D 242 -1.51 23.75 56.01
N PRO D 243 -2.34 22.84 55.50
CA PRO D 243 -2.01 21.42 55.71
C PRO D 243 -0.70 21.08 55.01
N VAL D 244 0.08 20.15 55.54
CA VAL D 244 1.18 19.53 54.81
C VAL D 244 0.70 18.99 53.44
N SER D 245 1.28 19.51 52.36
CA SER D 245 0.75 19.29 51.01
C SER D 245 1.64 19.96 49.98
N ALA D 246 1.76 19.39 48.79
CA ALA D 246 2.50 20.06 47.75
C ALA D 246 1.73 21.24 47.20
N PHE D 247 0.45 21.32 47.52
CA PHE D 247 -0.33 22.46 47.00
C PHE D 247 -0.06 23.75 47.79
N PRO D 248 0.05 24.89 47.11
CA PRO D 248 0.38 26.17 47.76
C PRO D 248 -0.75 26.84 48.60
N ILE D 249 -0.37 27.77 49.49
CA ILE D 249 -1.30 28.58 50.30
C ILE D 249 -2.68 28.84 49.64
N HIS D 250 -2.70 29.21 48.36
CA HIS D 250 -3.95 29.70 47.78
C HIS D 250 -4.88 28.61 47.22
N CYS D 251 -4.59 27.34 47.51
CA CYS D 251 -5.34 26.20 46.95
C CYS D 251 -6.13 25.42 48.01
N PHE D 252 -6.42 26.04 49.14
CA PHE D 252 -7.24 25.35 50.13
C PHE D 252 -8.57 26.02 50.46
N ASP D 253 -9.60 25.22 50.51
CA ASP D 253 -10.88 25.62 51.07
C ASP D 253 -10.88 25.17 52.56
N TYR D 254 -11.25 26.04 53.47
CA TYR D 254 -11.32 25.64 54.87
C TYR D 254 -12.73 25.75 55.38
N GLU D 255 -13.13 24.87 56.28
CA GLU D 255 -14.25 25.21 57.09
C GLU D 255 -13.89 25.10 58.57
N VAL D 256 -14.24 26.13 59.33
CA VAL D 256 -13.89 26.23 60.76
C VAL D 256 -15.15 26.22 61.59
N LYS D 257 -15.10 25.46 62.67
CA LYS D 257 -16.30 25.16 63.43
C LYS D 257 -16.18 25.64 64.89
N ILE D 258 -17.05 26.57 65.26
CA ILE D 258 -17.07 27.09 66.62
C ILE D 258 -18.29 26.54 67.35
N HIS D 259 -18.01 25.83 68.44
CA HIS D 259 -19.05 25.11 69.17
C HIS D 259 -19.12 25.56 70.63
N ASN D 260 -20.21 26.20 70.98
CA ASN D 260 -20.41 26.66 72.32
C ASN D 260 -20.76 25.49 73.25
N THR D 261 -19.89 25.18 74.21
CA THR D 261 -20.14 23.99 75.02
C THR D 261 -21.14 24.20 76.18
N ARG D 262 -21.43 25.44 76.50
CA ARG D 262 -22.44 25.71 77.47
C ARG D 262 -23.90 25.43 76.93
N ASN D 263 -24.20 25.87 75.70
CA ASN D 263 -25.58 25.77 75.14
C ASN D 263 -25.73 25.01 73.80
N GLY D 264 -24.63 24.58 73.19
CA GLY D 264 -24.69 23.80 71.96
C GLY D 264 -24.66 24.60 70.66
N TYR D 265 -24.73 25.93 70.75
CA TYR D 265 -24.75 26.79 69.58
C TYR D 265 -23.58 26.47 68.65
N LEU D 266 -23.87 26.29 67.36
CA LEU D 266 -22.87 25.82 66.43
C LEU D 266 -22.71 26.81 65.30
N GLN D 267 -21.47 27.19 65.00
CA GLN D 267 -21.20 28.05 63.85
C GLN D 267 -20.15 27.47 62.91
N ILE D 268 -20.43 27.43 61.62
CA ILE D 268 -19.45 26.90 60.70
C ILE D 268 -19.23 27.87 59.57
N GLU D 269 -17.97 28.25 59.36
CA GLU D 269 -17.62 29.20 58.34
C GLU D 269 -16.79 28.51 57.28
N LYS D 270 -17.08 28.80 56.01
CA LYS D 270 -16.26 28.29 54.91
C LYS D 270 -15.51 29.39 54.21
N LEU D 271 -14.20 29.25 54.14
CA LEU D 271 -13.36 30.33 53.69
C LEU D 271 -12.05 29.81 53.17
N MET D 272 -11.36 30.63 52.40
CA MET D 272 -10.18 30.23 51.63
C MET D 272 -8.92 30.87 52.22
N THR D 273 -8.91 31.12 53.54
CA THR D 273 -7.80 31.83 54.17
C THR D 273 -7.54 31.29 55.57
N ASN D 274 -6.54 31.83 56.24
CA ASN D 274 -6.02 31.17 57.41
C ASN D 274 -6.37 31.84 58.76
N ALA D 275 -7.19 32.87 58.71
CA ALA D 275 -7.66 33.52 59.93
C ALA D 275 -9.18 33.67 59.87
N PHE D 276 -9.81 33.85 61.02
CA PHE D 276 -11.23 34.18 61.05
C PHE D 276 -11.59 34.82 62.39
N ILE D 277 -12.16 36.01 62.34
CA ILE D 277 -12.64 36.64 63.59
C ILE D 277 -14.14 36.43 63.78
N SER D 278 -14.53 35.97 64.97
CA SER D 278 -15.94 35.70 65.30
C SER D 278 -16.38 36.20 66.69
N ILE D 279 -17.49 36.93 66.75
CA ILE D 279 -17.95 37.51 68.03
C ILE D 279 -18.57 36.43 68.90
N ILE D 280 -18.08 36.27 70.12
CA ILE D 280 -18.57 35.25 71.02
C ILE D 280 -19.06 35.89 72.29
N ASP D 281 -19.65 35.10 73.19
CA ASP D 281 -20.05 35.61 74.50
C ASP D 281 -18.95 35.36 75.54
N ASP D 282 -19.20 35.66 76.81
CA ASP D 282 -18.17 35.45 77.85
C ASP D 282 -18.66 34.73 79.13
N LEU D 283 -19.78 34.02 79.00
CA LEU D 283 -20.24 33.11 80.04
C LEU D 283 -20.18 31.73 79.40
N SER D 284 -19.13 31.50 78.62
CA SER D 284 -19.02 30.29 77.76
C SER D 284 -17.61 29.74 77.46
N LYS D 285 -17.49 28.43 77.58
CA LYS D 285 -16.36 27.70 77.07
C LYS D 285 -16.66 27.17 75.63
N TYR D 286 -15.86 27.56 74.64
CA TYR D 286 -16.05 27.13 73.22
C TYR D 286 -14.99 26.18 72.78
N ASP D 287 -15.35 25.16 72.01
CA ASP D 287 -14.32 24.35 71.36
C ASP D 287 -14.29 24.62 69.88
N VAL D 288 -13.09 24.66 69.31
CA VAL D 288 -12.95 24.92 67.89
C VAL D 288 -12.08 23.89 67.17
N GLN D 289 -12.47 23.52 65.96
CA GLN D 289 -11.74 22.57 65.12
C GLN D 289 -11.73 23.12 63.73
N VAL D 290 -10.78 22.68 62.91
CA VAL D 290 -10.72 23.12 61.52
C VAL D 290 -10.47 21.96 60.51
N ARG D 291 -10.98 22.14 59.30
CA ARG D 291 -10.64 21.19 58.26
C ARG D 291 -10.45 21.82 56.92
N ALA D 292 -9.84 21.03 56.04
CA ALA D 292 -9.28 21.54 54.82
C ALA D 292 -9.56 20.57 53.71
N ALA D 293 -9.49 21.11 52.50
CA ALA D 293 -9.75 20.37 51.27
C ALA D 293 -9.14 21.16 50.13
N VAL D 294 -8.53 20.49 49.17
CA VAL D 294 -8.03 21.29 48.06
C VAL D 294 -9.10 21.87 47.14
N SER D 295 -8.93 23.15 46.82
CA SER D 295 -9.94 23.92 46.15
C SER D 295 -10.08 23.55 44.69
N SER D 296 -11.32 23.49 44.25
CA SER D 296 -11.61 23.10 42.89
C SER D 296 -11.05 24.07 41.87
N MET D 297 -10.53 25.21 42.30
CA MET D 297 -9.80 26.06 41.34
C MET D 297 -8.39 25.51 41.07
N CYS D 298 -7.94 24.55 41.87
CA CYS D 298 -6.64 23.94 41.65
C CYS D 298 -6.83 22.54 41.16
N ARG D 299 -7.88 21.87 41.61
CA ARG D 299 -8.07 20.49 41.17
C ARG D 299 -9.48 20.03 41.36
N GLU D 300 -9.88 18.98 40.66
CA GLU D 300 -11.23 18.48 40.78
C GLU D 300 -11.46 18.27 42.22
N ALA D 301 -12.68 18.55 42.67
CA ALA D 301 -13.02 18.33 44.05
C ALA D 301 -12.65 16.93 44.51
N GLY D 302 -12.16 16.83 45.74
CA GLY D 302 -11.75 15.58 46.32
C GLY D 302 -12.29 15.48 47.74
N LEU D 303 -11.40 15.18 48.70
CA LEU D 303 -11.83 14.82 50.03
C LEU D 303 -11.54 15.90 51.05
N TRP D 304 -12.38 15.97 52.10
CA TRP D 304 -12.08 16.76 53.29
C TRP D 304 -11.10 16.05 54.16
N SER D 305 -10.21 16.78 54.81
CA SER D 305 -9.35 16.19 55.82
C SER D 305 -10.15 15.98 57.10
N GLU D 306 -9.72 15.06 57.95
CA GLU D 306 -10.17 15.04 59.35
C GLU D 306 -10.20 16.45 59.98
N TRP D 307 -11.02 16.65 61.01
CA TRP D 307 -11.00 17.91 61.75
C TRP D 307 -9.75 17.95 62.63
N SER D 308 -9.14 19.12 62.78
CA SER D 308 -8.04 19.33 63.70
C SER D 308 -8.40 18.90 65.13
N GLN D 309 -7.44 18.34 65.85
CA GLN D 309 -7.71 18.01 67.23
C GLN D 309 -8.39 19.24 67.86
N PRO D 310 -9.32 19.02 68.76
CA PRO D 310 -10.03 20.23 69.23
C PRO D 310 -9.17 21.08 70.17
N ILE D 311 -9.21 22.41 70.05
CA ILE D 311 -8.71 23.28 71.13
C ILE D 311 -9.83 23.98 71.90
N TYR D 312 -9.50 24.55 73.05
CA TYR D 312 -10.54 25.17 73.91
C TYR D 312 -10.19 26.61 74.29
N VAL D 313 -11.21 27.40 74.55
CA VAL D 313 -10.98 28.78 74.96
C VAL D 313 -12.21 29.33 75.68
N GLY D 314 -11.99 30.06 76.79
CA GLY D 314 -13.09 30.58 77.61
C GLY D 314 -13.35 29.70 78.82
N PHE D 315 -14.18 30.17 79.76
CA PHE D 315 -14.39 29.41 81.01
C PHE D 315 -15.85 29.44 81.47
N SER D 316 -16.41 28.26 81.75
CA SER D 316 -17.80 28.07 82.30
C SER D 316 -18.80 29.24 82.15
N GLU E 6 20.04 3.57 21.23
CA GLU E 6 20.55 4.49 22.29
C GLU E 6 19.74 4.44 23.59
N ILE E 7 20.13 5.30 24.54
CA ILE E 7 19.77 5.16 25.92
C ILE E 7 18.38 5.71 26.18
N PRO E 8 17.78 5.32 27.33
CA PRO E 8 16.45 5.78 27.69
C PRO E 8 16.49 7.26 27.89
N THR E 9 15.44 7.96 27.52
CA THR E 9 15.39 9.40 27.61
C THR E 9 15.74 10.01 28.97
N SER E 10 15.19 9.46 30.05
CA SER E 10 15.42 10.04 31.37
C SER E 10 16.89 9.92 31.86
N ALA E 11 17.63 8.91 31.40
CA ALA E 11 19.08 8.89 31.64
C ALA E 11 19.79 9.93 30.75
N LEU E 12 19.27 10.14 29.56
CA LEU E 12 19.84 11.13 28.70
C LEU E 12 19.78 12.45 29.46
N VAL E 13 18.63 12.70 30.07
CA VAL E 13 18.44 13.91 30.78
C VAL E 13 19.50 14.04 31.82
N LYS E 14 19.52 13.08 32.74
CA LYS E 14 20.48 13.04 33.85
C LYS E 14 21.93 13.26 33.42
N GLU E 15 22.38 12.48 32.46
CA GLU E 15 23.75 12.58 31.97
C GLU E 15 24.01 14.00 31.47
N THR E 16 23.12 14.50 30.63
CA THR E 16 23.24 15.85 30.12
C THR E 16 23.44 16.91 31.21
N LEU E 17 22.73 16.81 32.34
CA LEU E 17 22.98 17.72 33.43
C LEU E 17 24.41 17.67 33.92
N ALA E 18 24.89 16.46 34.22
CA ALA E 18 26.24 16.28 34.77
C ALA E 18 27.21 16.79 33.74
N LEU E 19 26.97 16.37 32.50
CA LEU E 19 27.74 16.78 31.35
C LEU E 19 27.71 18.31 31.27
N LEU E 20 26.55 18.85 31.57
CA LEU E 20 26.40 20.29 31.62
C LEU E 20 27.34 21.01 32.61
N SER E 21 27.48 20.48 33.83
CA SER E 21 28.08 21.29 34.89
C SER E 21 29.61 21.34 34.79
N THR E 22 30.15 20.50 33.95
CA THR E 22 31.58 20.50 33.83
C THR E 22 32.12 21.13 32.55
N HIS E 23 31.35 21.12 31.47
CA HIS E 23 31.74 21.91 30.27
C HIS E 23 31.45 23.37 30.47
N ARG E 24 31.07 23.73 31.68
CA ARG E 24 30.67 25.10 32.01
C ARG E 24 31.78 26.12 31.76
N THR E 25 32.94 25.89 32.37
CA THR E 25 34.03 26.86 32.31
C THR E 25 34.43 27.12 30.86
N LEU E 26 34.48 26.06 30.04
CA LEU E 26 34.62 26.24 28.59
C LEU E 26 33.55 27.16 28.03
N LEU E 27 32.29 26.91 28.41
CA LEU E 27 31.14 27.72 27.91
C LEU E 27 31.13 29.20 28.35
N ILE E 28 31.41 29.48 29.63
CA ILE E 28 31.47 30.86 30.14
C ILE E 28 32.47 31.67 29.31
N ALA E 29 33.54 31.01 28.87
CA ALA E 29 34.64 31.70 28.21
C ALA E 29 34.18 32.80 27.26
N ASN E 30 33.29 32.47 26.32
CA ASN E 30 32.78 33.51 25.41
C ASN E 30 32.24 34.72 26.17
N GLU E 31 32.78 35.89 25.89
CA GLU E 31 32.33 37.04 26.67
C GLU E 31 31.58 38.11 25.92
N THR E 32 31.15 37.78 24.72
CA THR E 32 30.51 38.76 23.86
C THR E 32 29.06 38.33 23.63
N LEU E 33 28.72 37.17 24.17
CA LEU E 33 27.42 36.60 23.95
C LEU E 33 26.35 37.07 24.91
N ARG E 34 25.23 37.44 24.33
CA ARG E 34 23.97 37.56 25.04
C ARG E 34 22.99 36.53 24.47
N ILE E 35 22.27 35.84 25.34
CA ILE E 35 21.26 34.93 24.86
C ILE E 35 20.01 35.31 25.60
N PRO E 36 18.87 35.43 24.89
CA PRO E 36 17.58 35.52 25.63
C PRO E 36 17.46 34.47 26.73
N VAL E 37 16.98 34.93 27.87
CA VAL E 37 16.71 34.11 29.03
C VAL E 37 15.42 34.71 29.63
N PRO E 38 14.37 33.87 29.77
CA PRO E 38 13.02 34.28 30.21
C PRO E 38 13.00 34.92 31.61
N VAL E 39 12.08 35.85 31.83
CA VAL E 39 11.99 36.56 33.12
C VAL E 39 11.22 35.76 34.18
N HIS E 40 10.15 35.09 33.75
CA HIS E 40 9.37 34.17 34.58
C HIS E 40 9.93 32.78 34.45
N LYS E 41 9.45 31.87 35.30
CA LYS E 41 9.99 30.53 35.33
C LYS E 41 9.01 29.50 34.80
N ASN E 42 8.17 29.88 33.84
CA ASN E 42 7.39 28.84 33.17
C ASN E 42 8.08 28.25 31.93
N HIS E 43 8.89 27.24 32.20
CA HIS E 43 9.84 26.70 31.23
C HIS E 43 9.12 26.18 30.04
N GLN E 44 8.14 25.33 30.31
CA GLN E 44 7.45 24.61 29.25
C GLN E 44 6.92 25.53 28.18
N LEU E 45 6.60 26.75 28.56
CA LEU E 45 6.18 27.73 27.60
C LEU E 45 7.26 28.13 26.61
N CYS E 46 8.52 28.05 27.04
CA CYS E 46 9.63 28.68 26.31
C CYS E 46 10.46 27.67 25.59
N THR E 47 9.89 26.51 25.35
CA THR E 47 10.60 25.46 24.70
C THR E 47 11.38 25.89 23.47
N GLU E 48 10.84 26.80 22.65
CA GLU E 48 11.57 27.12 21.43
C GLU E 48 12.73 28.06 21.73
N GLU E 49 12.54 29.00 22.64
CA GLU E 49 13.57 30.00 22.86
C GLU E 49 14.80 29.36 23.53
N ILE E 50 14.55 28.32 24.32
CA ILE E 50 15.63 27.59 24.92
C ILE E 50 16.49 26.87 23.88
N PHE E 51 15.91 26.28 22.85
CA PHE E 51 16.71 25.61 21.84
C PHE E 51 17.31 26.54 20.75
N GLN E 52 16.76 27.74 20.59
CA GLN E 52 17.44 28.79 19.81
C GLN E 52 18.73 29.22 20.51
N GLY E 53 18.61 29.45 21.82
CA GLY E 53 19.75 29.80 22.65
C GLY E 53 20.84 28.76 22.55
N ILE E 54 20.49 27.51 22.82
CA ILE E 54 21.45 26.46 22.70
C ILE E 54 22.08 26.49 21.31
N GLY E 55 21.26 26.81 20.32
CA GLY E 55 21.72 26.82 18.92
C GLY E 55 22.74 27.90 18.61
N THR E 56 22.51 29.12 19.10
CA THR E 56 23.49 30.17 18.91
C THR E 56 24.74 29.80 19.71
N LEU E 57 24.53 29.29 20.91
CA LEU E 57 25.65 28.94 21.76
C LEU E 57 26.61 27.97 21.07
N GLU E 58 26.06 26.96 20.39
CA GLU E 58 26.92 25.94 19.77
C GLU E 58 27.63 26.42 18.50
N SER E 59 27.08 27.45 17.87
CA SER E 59 27.73 27.96 16.66
C SER E 59 28.64 29.17 16.95
N GLN E 60 28.71 29.58 18.22
CA GLN E 60 29.73 30.54 18.66
C GLN E 60 30.75 29.90 19.58
N THR E 61 30.60 28.60 19.79
CA THR E 61 31.56 27.86 20.57
C THR E 61 32.48 27.13 19.60
N VAL E 62 33.76 27.07 19.92
CA VAL E 62 34.64 26.26 19.11
C VAL E 62 34.18 24.83 19.19
N GLN E 63 34.05 24.20 18.03
CA GLN E 63 33.60 22.81 18.00
C GLN E 63 34.78 21.88 18.12
N GLY E 64 34.58 20.78 18.85
CA GLY E 64 35.66 19.85 19.09
C GLY E 64 35.73 19.34 20.52
N GLY E 65 36.84 18.69 20.84
CA GLY E 65 37.01 18.09 22.14
C GLY E 65 35.82 17.23 22.46
N THR E 66 35.36 17.31 23.69
CA THR E 66 34.28 16.46 24.10
C THR E 66 32.98 17.23 24.07
N VAL E 67 33.08 18.55 23.91
CA VAL E 67 31.90 19.41 23.99
C VAL E 67 30.84 19.01 22.96
N GLU E 68 31.26 18.71 21.72
CA GLU E 68 30.37 18.07 20.73
C GLU E 68 29.31 17.18 21.37
N ARG E 69 29.66 16.45 22.43
CA ARG E 69 28.70 15.49 22.96
C ARG E 69 27.62 16.09 23.84
N LEU E 70 27.91 17.24 24.44
CA LEU E 70 26.89 17.96 25.13
C LEU E 70 25.84 18.38 24.10
N PHE E 71 26.29 19.13 23.10
CA PHE E 71 25.38 19.53 22.05
C PHE E 71 24.62 18.39 21.42
N LYS E 72 25.18 17.19 21.42
CA LYS E 72 24.49 16.10 20.78
C LYS E 72 23.39 15.59 21.67
N ASN E 73 23.68 15.43 22.96
CA ASN E 73 22.60 15.13 23.88
C ASN E 73 21.52 16.19 23.80
N LEU E 74 21.93 17.45 23.90
CA LEU E 74 20.96 18.55 23.83
C LEU E 74 19.98 18.37 22.69
N SER E 75 20.47 18.05 21.49
CA SER E 75 19.55 17.91 20.37
C SER E 75 18.66 16.68 20.43
N LEU E 76 19.14 15.59 21.03
CA LEU E 76 18.27 14.44 21.32
C LEU E 76 17.15 14.78 22.31
N ILE E 77 17.38 15.71 23.23
CA ILE E 77 16.28 16.19 24.08
C ILE E 77 15.28 17.01 23.20
N LYS E 78 15.78 17.94 22.43
CA LYS E 78 14.92 18.61 21.46
C LYS E 78 14.06 17.65 20.64
N LYS E 79 14.58 16.51 20.27
CA LYS E 79 13.82 15.59 19.43
C LYS E 79 12.73 14.98 20.26
N TYR E 80 13.06 14.70 21.50
CA TYR E 80 12.05 14.27 22.40
C TYR E 80 10.95 15.34 22.62
N ILE E 81 11.32 16.56 22.95
CA ILE E 81 10.29 17.57 23.10
C ILE E 81 9.43 17.66 21.79
N ASP E 82 10.09 17.68 20.64
CA ASP E 82 9.38 17.71 19.37
C ASP E 82 8.29 16.66 19.25
N GLY E 83 8.47 15.54 19.96
CA GLY E 83 7.62 14.41 19.81
C GLY E 83 6.36 14.60 20.63
N GLN E 84 6.53 14.86 21.94
CA GLN E 84 5.46 15.40 22.75
C GLN E 84 4.64 16.53 22.00
N LYS E 85 5.32 17.43 21.26
CA LYS E 85 4.53 18.49 20.69
C LYS E 85 3.57 17.86 19.71
N LYS E 86 4.03 16.95 18.88
CA LYS E 86 3.12 16.34 17.90
C LYS E 86 2.05 15.49 18.61
N LYS E 87 2.45 14.80 19.66
CA LYS E 87 1.50 14.08 20.45
C LYS E 87 0.37 15.02 21.00
N CYS E 88 0.60 16.33 20.97
CA CYS E 88 -0.44 17.33 21.35
C CYS E 88 -1.67 17.19 20.45
N GLY E 89 -1.44 16.87 19.18
CA GLY E 89 -2.50 16.95 18.20
C GLY E 89 -2.73 15.80 17.25
N GLU E 90 -2.20 14.62 17.51
CA GLU E 90 -2.47 13.50 16.60
C GLU E 90 -3.82 12.83 16.80
N GLU E 91 -4.40 12.89 17.99
CA GLU E 91 -5.74 12.30 18.17
C GLU E 91 -6.85 13.32 18.41
N ARG E 92 -7.87 13.30 17.55
CA ARG E 92 -9.05 14.14 17.74
C ARG E 92 -10.16 13.39 18.48
N ARG E 93 -10.60 13.91 19.62
CA ARG E 93 -11.53 13.20 20.48
C ARG E 93 -12.90 13.90 20.73
N ARG E 94 -13.81 13.20 21.40
CA ARG E 94 -15.11 13.78 21.72
C ARG E 94 -14.95 14.98 22.64
N VAL E 95 -15.88 15.91 22.57
CA VAL E 95 -15.76 17.10 23.34
C VAL E 95 -15.61 16.89 24.83
N ASN E 96 -16.44 16.11 25.48
CA ASN E 96 -16.22 15.97 26.90
C ASN E 96 -14.72 15.71 27.18
N GLN E 97 -14.10 14.89 26.34
CA GLN E 97 -12.72 14.53 26.63
C GLN E 97 -11.82 15.77 26.44
N PHE E 98 -12.21 16.63 25.51
CA PHE E 98 -11.48 17.88 25.38
C PHE E 98 -11.75 18.75 26.58
N LEU E 99 -12.99 18.76 27.05
CA LEU E 99 -13.32 19.65 28.14
C LEU E 99 -12.62 19.15 29.39
N ASP E 100 -12.45 17.86 29.54
CA ASP E 100 -11.63 17.36 30.65
C ASP E 100 -10.20 17.91 30.66
N TYR E 101 -9.57 17.94 29.48
CA TYR E 101 -8.23 18.41 29.38
C TYR E 101 -8.11 19.87 29.72
N LEU E 102 -9.07 20.67 29.27
CA LEU E 102 -8.93 22.11 29.42
C LEU E 102 -9.13 22.44 30.86
N GLN E 103 -9.89 21.60 31.53
CA GLN E 103 -10.20 21.80 32.92
C GLN E 103 -8.95 21.58 33.78
N GLU E 104 -8.06 20.70 33.36
CA GLU E 104 -6.90 20.47 34.22
C GLU E 104 -5.81 21.48 33.84
N PHE E 105 -5.63 21.75 32.56
CA PHE E 105 -4.88 22.92 32.16
C PHE E 105 -5.12 24.11 33.11
N LEU E 106 -6.35 24.60 33.16
CA LEU E 106 -6.67 25.72 33.98
C LEU E 106 -6.27 25.45 35.41
N GLY E 107 -6.43 24.23 35.85
CA GLY E 107 -6.18 23.91 37.21
C GLY E 107 -4.73 24.03 37.57
N VAL E 108 -3.85 23.51 36.73
CA VAL E 108 -2.42 23.60 37.02
C VAL E 108 -1.91 25.00 36.75
N MET E 109 -2.32 25.64 35.66
CA MET E 109 -1.80 26.99 35.49
C MET E 109 -2.14 27.85 36.73
N ASN E 110 -3.22 27.53 37.42
CA ASN E 110 -3.57 28.27 38.65
C ASN E 110 -2.77 27.79 39.84
N THR E 111 -2.35 26.54 39.79
CA THR E 111 -1.65 25.95 40.91
C THR E 111 -0.21 26.35 40.84
N GLU E 112 0.23 26.64 39.63
CA GLU E 112 1.65 26.70 39.31
C GLU E 112 2.24 28.07 39.03
N TRP E 113 1.44 29.04 38.57
CA TRP E 113 2.02 30.37 38.28
C TRP E 113 1.40 31.48 39.09
N ILE E 114 0.15 31.27 39.53
CA ILE E 114 -0.69 32.34 40.09
C ILE E 114 -0.53 33.69 39.36
N PRO F 8 -8.07 41.47 36.26
CA PRO F 8 -6.85 40.80 36.75
C PRO F 8 -6.99 39.30 36.60
N THR F 9 -5.87 38.61 36.35
CA THR F 9 -5.86 37.18 36.01
C THR F 9 -6.13 36.26 37.19
N SER F 10 -5.41 36.47 38.28
CA SER F 10 -5.71 35.79 39.51
C SER F 10 -7.20 35.37 39.51
N ALA F 11 -8.09 36.35 39.39
CA ALA F 11 -9.53 36.11 39.46
C ALA F 11 -10.08 35.32 38.25
N LEU F 12 -9.74 35.76 37.05
CA LEU F 12 -10.31 35.17 35.84
C LEU F 12 -10.58 33.68 35.99
N VAL F 13 -9.53 32.88 36.24
CA VAL F 13 -9.63 31.43 36.17
C VAL F 13 -10.56 30.74 37.15
N LYS F 14 -10.64 31.17 38.41
CA LYS F 14 -11.55 30.45 39.30
C LYS F 14 -12.94 30.50 38.69
N GLU F 15 -13.25 31.63 38.06
CA GLU F 15 -14.59 31.89 37.55
C GLU F 15 -14.79 31.18 36.23
N THR F 16 -13.74 31.14 35.45
CA THR F 16 -13.75 30.37 34.22
C THR F 16 -14.06 28.90 34.48
N LEU F 17 -13.39 28.28 35.45
CA LEU F 17 -13.62 26.85 35.76
C LEU F 17 -15.05 26.54 36.15
N ALA F 18 -15.68 27.49 36.84
CA ALA F 18 -17.08 27.38 37.22
C ALA F 18 -17.99 27.47 35.97
N LEU F 19 -17.69 28.44 35.10
CA LEU F 19 -18.52 28.66 33.91
C LEU F 19 -18.46 27.43 33.06
N LEU F 20 -17.28 26.84 33.02
CA LEU F 20 -17.05 25.66 32.23
C LEU F 20 -17.90 24.55 32.77
N SER F 21 -17.94 24.45 34.09
CA SER F 21 -18.63 23.36 34.73
C SER F 21 -20.14 23.46 34.55
N THR F 22 -20.71 24.67 34.68
CA THR F 22 -22.16 24.83 34.53
C THR F 22 -22.61 24.74 33.07
N HIS F 23 -21.67 24.79 32.14
CA HIS F 23 -22.01 24.81 30.72
C HIS F 23 -21.59 23.53 30.01
N ARG F 24 -21.22 22.53 30.77
CA ARG F 24 -20.72 21.29 30.17
C ARG F 24 -21.72 20.69 29.20
N THR F 25 -22.86 20.32 29.76
CA THR F 25 -23.90 19.65 29.01
C THR F 25 -24.34 20.42 27.74
N LEU F 26 -24.47 21.74 27.84
CA LEU F 26 -24.67 22.50 26.60
C LEU F 26 -23.50 22.32 25.62
N LEU F 27 -22.28 22.36 26.13
CA LEU F 27 -21.09 22.32 25.27
C LEU F 27 -20.84 20.99 24.50
N ILE F 28 -21.18 19.86 25.12
CA ILE F 28 -20.91 18.60 24.46
C ILE F 28 -22.09 18.13 23.65
N ALA F 29 -23.17 18.87 23.65
CA ALA F 29 -24.39 18.39 22.99
C ALA F 29 -24.15 18.08 21.50
N ASN F 30 -23.10 18.68 20.92
CA ASN F 30 -22.73 18.38 19.53
C ASN F 30 -21.93 17.09 19.40
N GLU F 31 -22.60 15.94 19.48
CA GLU F 31 -21.93 14.63 19.66
C GLU F 31 -21.01 14.13 18.54
N THR F 32 -21.11 14.72 17.36
CA THR F 32 -20.29 14.28 16.27
C THR F 32 -19.01 15.12 16.11
N LEU F 33 -18.91 16.23 16.81
CA LEU F 33 -17.69 17.00 16.76
C LEU F 33 -16.51 16.25 17.38
N ARG F 34 -15.32 16.45 16.80
CA ARG F 34 -14.12 15.77 17.26
C ARG F 34 -13.01 16.83 17.29
N ILE F 35 -12.32 16.94 18.44
CA ILE F 35 -11.28 17.95 18.62
C ILE F 35 -9.96 17.39 19.08
N PRO F 36 -8.85 17.97 18.61
CA PRO F 36 -7.58 17.41 19.11
C PRO F 36 -7.44 17.41 20.61
N VAL F 37 -6.89 16.34 21.16
CA VAL F 37 -6.65 16.26 22.56
C VAL F 37 -5.31 15.62 22.74
N PRO F 38 -4.44 16.26 23.47
CA PRO F 38 -3.09 15.75 23.61
C PRO F 38 -3.05 14.42 24.31
N VAL F 39 -2.13 13.57 23.88
CA VAL F 39 -2.06 12.22 24.37
C VAL F 39 -1.28 12.11 25.70
N HIS F 40 -0.78 13.23 26.20
CA HIS F 40 -0.05 13.27 27.45
C HIS F 40 -0.47 14.42 28.35
N LYS F 41 0.20 14.51 29.47
CA LYS F 41 -0.19 15.36 30.54
C LYS F 41 0.85 16.47 30.81
N ASN F 42 1.59 16.86 29.77
CA ASN F 42 2.39 18.09 29.84
C ASN F 42 1.62 19.26 29.26
N HIS F 43 0.59 19.64 30.01
CA HIS F 43 -0.38 20.61 29.53
C HIS F 43 0.22 21.86 28.84
N GLN F 44 1.34 22.36 29.34
CA GLN F 44 1.81 23.67 28.85
C GLN F 44 2.59 23.62 27.57
N LEU F 45 2.87 22.40 27.11
CA LEU F 45 3.50 22.21 25.82
C LEU F 45 2.48 22.33 24.77
N CYS F 46 1.21 22.29 25.17
CA CYS F 46 0.08 22.03 24.23
C CYS F 46 -0.86 23.20 24.10
N THR F 47 -0.36 24.36 24.46
CA THR F 47 -1.10 25.59 24.47
C THR F 47 -1.80 25.92 23.15
N GLU F 48 -1.10 25.82 22.06
CA GLU F 48 -1.67 26.18 20.80
C GLU F 48 -2.82 25.24 20.45
N GLU F 49 -2.57 23.93 20.54
CA GLU F 49 -3.62 22.93 20.30
C GLU F 49 -4.83 23.23 21.16
N ILE F 50 -4.61 23.46 22.45
CA ILE F 50 -5.71 23.83 23.32
C ILE F 50 -6.53 25.04 22.85
N PHE F 51 -5.90 26.09 22.33
CA PHE F 51 -6.73 27.23 22.00
C PHE F 51 -7.45 27.08 20.69
N GLN F 52 -6.90 26.31 19.76
CA GLN F 52 -7.69 26.07 18.57
C GLN F 52 -8.92 25.27 18.95
N GLY F 53 -8.74 24.28 19.82
CA GLY F 53 -9.88 23.57 20.37
C GLY F 53 -11.00 24.51 20.82
N ILE F 54 -10.69 25.31 21.85
CA ILE F 54 -11.61 26.36 22.28
C ILE F 54 -12.09 27.11 21.06
N GLY F 55 -11.21 27.34 20.11
CA GLY F 55 -11.55 28.11 18.94
C GLY F 55 -12.70 27.50 18.17
N THR F 56 -12.58 26.22 17.82
CA THR F 56 -13.59 25.61 16.94
C THR F 56 -14.93 25.39 17.66
N LEU F 57 -14.86 25.27 18.96
CA LEU F 57 -16.02 24.93 19.72
C LEU F 57 -16.83 26.21 19.98
N GLU F 58 -16.12 27.32 20.09
CA GLU F 58 -16.78 28.58 20.16
C GLU F 58 -17.61 28.79 18.87
N SER F 59 -16.92 28.93 17.74
CA SER F 59 -17.57 29.11 16.44
C SER F 59 -18.77 28.18 16.23
N GLN F 60 -18.90 27.14 17.05
CA GLN F 60 -19.91 26.10 16.80
C GLN F 60 -20.91 25.87 17.90
N THR F 61 -21.34 26.94 18.55
CA THR F 61 -22.38 26.85 19.56
C THR F 61 -23.12 28.19 19.63
N VAL F 62 -24.40 28.10 19.95
CA VAL F 62 -25.31 29.26 19.83
C VAL F 62 -24.79 30.51 20.57
N GLN F 63 -24.10 31.38 19.83
CA GLN F 63 -23.49 32.56 20.43
C GLN F 63 -24.51 33.63 20.86
N GLY F 64 -24.67 33.70 22.17
CA GLY F 64 -25.73 34.43 22.85
C GLY F 64 -25.79 33.65 24.16
N GLY F 65 -26.53 34.18 25.14
CA GLY F 65 -26.62 33.48 26.42
C GLY F 65 -25.36 33.53 27.26
N THR F 66 -25.46 33.01 28.47
CA THR F 66 -24.46 33.20 29.50
C THR F 66 -23.13 32.55 29.12
N VAL F 67 -23.15 31.76 28.06
CA VAL F 67 -21.98 31.02 27.64
C VAL F 67 -20.88 31.94 27.14
N GLU F 68 -21.27 33.10 26.58
CA GLU F 68 -20.28 34.04 26.05
C GLU F 68 -19.25 34.46 27.07
N ARG F 69 -19.64 34.51 28.33
CA ARG F 69 -18.76 34.95 29.39
C ARG F 69 -17.59 33.96 29.51
N LEU F 70 -17.90 32.69 29.27
CA LEU F 70 -16.91 31.65 29.24
C LEU F 70 -15.91 31.94 28.15
N PHE F 71 -16.39 32.30 26.98
CA PHE F 71 -15.49 32.55 25.87
C PHE F 71 -14.72 33.85 26.02
N LYS F 72 -15.33 34.88 26.61
CA LYS F 72 -14.59 36.11 26.89
C LYS F 72 -13.44 35.83 27.86
N ASN F 73 -13.72 35.03 28.88
CA ASN F 73 -12.71 34.68 29.84
C ASN F 73 -11.54 33.90 29.24
N LEU F 74 -11.83 33.03 28.28
CA LEU F 74 -10.75 32.24 27.71
C LEU F 74 -9.96 33.06 26.69
N SER F 75 -10.50 34.17 26.23
CA SER F 75 -9.76 34.94 25.28
C SER F 75 -8.80 35.78 26.06
N LEU F 76 -9.18 36.11 27.31
CA LEU F 76 -8.29 36.88 28.16
C LEU F 76 -7.16 35.99 28.60
N ILE F 77 -7.50 34.82 29.15
CA ILE F 77 -6.49 33.86 29.44
C ILE F 77 -5.58 33.60 28.22
N LYS F 78 -6.14 33.51 27.03
CA LYS F 78 -5.25 33.42 25.86
C LYS F 78 -4.23 34.60 25.83
N LYS F 79 -4.73 35.82 25.99
CA LYS F 79 -3.87 36.99 25.93
C LYS F 79 -2.82 37.08 27.04
N TYR F 80 -3.10 36.49 28.20
CA TYR F 80 -2.11 36.57 29.27
C TYR F 80 -0.97 35.62 28.95
N ILE F 81 -1.33 34.52 28.32
CA ILE F 81 -0.36 33.59 27.85
C ILE F 81 0.50 34.16 26.71
N ASP F 82 -0.13 34.68 25.66
CA ASP F 82 0.66 35.31 24.62
C ASP F 82 1.64 36.30 25.24
N GLY F 83 1.23 36.91 26.36
CA GLY F 83 2.08 37.78 27.15
C GLY F 83 3.32 37.04 27.65
N GLN F 84 3.10 35.92 28.32
CA GLN F 84 4.19 35.10 28.81
C GLN F 84 5.10 34.61 27.70
N LYS F 85 4.56 34.26 26.54
CA LYS F 85 5.40 33.81 25.43
C LYS F 85 6.29 34.94 24.87
N LYS F 86 5.77 36.16 24.76
CA LYS F 86 6.60 37.24 24.35
C LYS F 86 7.78 37.40 25.36
N LYS F 87 7.54 37.05 26.61
CA LYS F 87 8.51 37.34 27.68
C LYS F 87 9.62 36.32 27.80
N CYS F 88 9.41 35.14 27.22
CA CYS F 88 10.43 34.11 27.09
C CYS F 88 11.68 34.61 26.39
N GLY F 89 11.53 35.64 25.55
CA GLY F 89 12.55 35.93 24.57
C GLY F 89 13.18 37.29 24.63
N GLU F 90 12.66 38.19 25.46
CA GLU F 90 12.98 39.58 25.26
C GLU F 90 14.07 40.18 26.15
N GLU F 91 14.79 39.33 26.86
CA GLU F 91 15.85 39.82 27.71
C GLU F 91 17.19 39.06 27.57
N ARG F 92 18.15 39.74 26.96
CA ARG F 92 19.47 39.18 26.65
C ARG F 92 20.37 39.15 27.89
N ARG F 93 21.01 38.01 28.15
CA ARG F 93 21.84 37.87 29.35
C ARG F 93 23.18 37.18 29.11
N ARG F 94 24.05 37.21 30.13
CA ARG F 94 25.36 36.55 30.07
C ARG F 94 25.17 35.05 29.94
N VAL F 95 26.13 34.41 29.29
CA VAL F 95 26.05 33.00 28.99
C VAL F 95 25.85 32.14 30.21
N ASN F 96 26.54 32.48 31.31
CA ASN F 96 26.44 31.68 32.53
C ASN F 96 25.07 31.79 33.20
N GLN F 97 24.26 32.79 32.81
CA GLN F 97 22.91 32.92 33.32
C GLN F 97 21.95 32.08 32.50
N PHE F 98 22.26 31.93 31.22
CA PHE F 98 21.42 31.14 30.34
C PHE F 98 21.68 29.69 30.67
N LEU F 99 22.88 29.43 31.14
CA LEU F 99 23.25 28.10 31.58
C LEU F 99 22.59 27.70 32.90
N ASP F 100 22.29 28.65 33.78
CA ASP F 100 21.49 28.28 34.97
C ASP F 100 20.04 28.05 34.60
N TYR F 101 19.53 28.85 33.68
CA TYR F 101 18.17 28.66 33.22
C TYR F 101 18.01 27.22 32.74
N LEU F 102 19.04 26.73 32.09
CA LEU F 102 19.00 25.48 31.41
C LEU F 102 19.17 24.33 32.40
N GLN F 103 20.11 24.45 33.32
CA GLN F 103 20.17 23.48 34.41
C GLN F 103 18.79 23.32 35.02
N GLU F 104 18.16 24.45 35.28
CA GLU F 104 16.86 24.52 35.92
C GLU F 104 15.79 23.82 35.08
N PHE F 105 15.81 24.06 33.77
CA PHE F 105 14.84 23.46 32.85
C PHE F 105 14.99 21.93 32.86
N LEU F 106 16.19 21.44 32.52
CA LEU F 106 16.48 20.00 32.65
C LEU F 106 16.12 19.43 34.02
N GLY F 107 16.44 20.13 35.10
CA GLY F 107 16.12 19.59 36.43
C GLY F 107 14.64 19.28 36.60
N VAL F 108 13.82 20.01 35.85
CA VAL F 108 12.38 19.84 35.92
C VAL F 108 11.98 18.62 35.10
N MET F 109 12.54 18.52 33.89
CA MET F 109 12.24 17.40 33.00
C MET F 109 12.51 16.16 33.81
N ASN F 110 13.61 16.17 34.56
CA ASN F 110 13.94 15.01 35.37
C ASN F 110 12.85 14.77 36.41
N THR F 111 12.90 15.52 37.51
CA THR F 111 11.96 15.41 38.63
C THR F 111 10.44 15.55 38.35
N GLU F 112 10.04 16.31 37.32
CA GLU F 112 8.58 16.63 37.20
C GLU F 112 7.78 16.05 36.04
N TRP F 113 8.43 15.69 34.94
CA TRP F 113 7.70 15.23 33.78
C TRP F 113 7.52 13.76 33.83
N ILE F 114 6.51 13.25 33.13
CA ILE F 114 6.31 11.81 33.03
C ILE F 114 6.97 11.31 31.74
N ILE F 115 7.95 10.42 31.84
CA ILE F 115 8.76 10.17 30.67
C ILE F 115 8.78 8.70 30.18
N GLU F 116 7.80 8.36 29.35
CA GLU F 116 7.74 7.00 28.73
C GLU F 116 9.09 6.47 28.21
#